data_2IH2
#
_entry.id   2IH2
#
_cell.length_a   59.439
_cell.length_b   68.875
_cell.length_c   114.349
_cell.angle_alpha   90.00
_cell.angle_beta   92.27
_cell.angle_gamma   90.00
#
_symmetry.space_group_name_H-M   'P 1 21 1'
#
loop_
_entity.id
_entity.type
_entity.pdbx_description
1 polymer "5'-D(*GP*TP*TP*CP*GP*AP*TP*GP*TP*C)-3'"
2 polymer "5'-D(*GP*AP*CP*AP*(5PY)P*CP*GP*(6MA)P*AP*C)-3'"
3 polymer 'Modification methylase TaqI'
4 non-polymer GLYCEROL
5 non-polymer "5'-DEOXY-5'-[2-(AMINO)ETHYLTHIO]ADENOSINE"
6 water water
#
loop_
_entity_poly.entity_id
_entity_poly.type
_entity_poly.pdbx_seq_one_letter_code
_entity_poly.pdbx_strand_id
1 'polydeoxyribonucleotide' (DG)(DT)(DT)(DC)(DG)(DA)(DT)(DG)(DT)(DC) B,E
2 'polydeoxyribonucleotide' (DG)(DA)(DC)(DA)(5PY)(DC)(DG)(6MA)(DA)(DC) C,F
3 'polypeptide(L)'
;MGLPPLLSLPSNSAPRSLGRVETPPEVVDFMVSLAEAPRGGRVLEPACAHGPFLRAFREAHGTAYRFVGVEIDPKALDLP
PWAEGILADFLLWEPGEAFDLILGNPPYGIVGEASKYPIHVFKAVKDLYKKAFSTWKGKYNLYGAFLEKAVRLLKPGGVL
VFVVPATWLVLEDFALLREFLAREGKTSVYYLGEVFPQKKVSAVVIRFQKSGKGLSLWDTQESESGFTPILWAEYPHWEG
EIIRFETEETRKLEISGMPLGDLFHIRFAARSPEFKKHPAVRKEPGPGLVPVLTGRNLKPGWVDYEKNHSGLWMPKERAK
ELRDFYATPHLVVAHTKGTRVVAAWDERAYPWREEFHLLPKEGVRLDPSSLVQWLNSEAMQKHVRTLYRDFVPHLTLRML
ERLPVRREYGFHTSPESARNF
;
A,D
#
# COMPACT_ATOMS: atom_id res chain seq x y z
N VAL E 21 -31.35 26.05 -7.40
CA VAL E 21 -30.31 24.99 -7.28
C VAL E 21 -29.68 24.99 -5.89
N GLU E 22 -29.72 23.84 -5.22
CA GLU E 22 -29.03 23.72 -3.95
C GLU E 22 -28.13 22.49 -3.94
N THR E 23 -27.17 22.49 -3.02
CA THR E 23 -26.27 21.36 -2.86
C THR E 23 -26.68 20.62 -1.58
N PRO E 24 -26.94 19.31 -1.66
CA PRO E 24 -27.31 18.56 -0.45
C PRO E 24 -26.26 18.71 0.64
N PRO E 25 -26.70 18.86 1.90
CA PRO E 25 -25.74 19.10 2.99
C PRO E 25 -24.67 18.04 3.16
N GLU E 26 -24.99 16.77 2.88
CA GLU E 26 -23.95 15.73 3.00
C GLU E 26 -22.93 15.83 1.87
N VAL E 27 -23.34 16.37 0.72
CA VAL E 27 -22.37 16.69 -0.34
C VAL E 27 -21.44 17.84 0.08
N VAL E 28 -22.03 18.93 0.58
CA VAL E 28 -21.24 20.04 1.14
C VAL E 28 -20.26 19.53 2.21
N ASP E 29 -20.76 18.74 3.15
CA ASP E 29 -19.93 18.22 4.24
C ASP E 29 -18.77 17.38 3.71
N PHE E 30 -19.06 16.52 2.73
CA PHE E 30 -18.00 15.71 2.13
C PHE E 30 -16.94 16.61 1.48
N MET E 31 -17.38 17.61 0.72
CA MET E 31 -16.45 18.53 0.06
C MET E 31 -15.63 19.32 1.06
N VAL E 32 -16.26 19.77 2.14
CA VAL E 32 -15.55 20.52 3.17
C VAL E 32 -14.47 19.64 3.84
N SER E 33 -14.78 18.35 4.00
CA SER E 33 -13.82 17.37 4.55
C SER E 33 -12.55 17.24 3.70
N LEU E 34 -12.66 17.54 2.41
CA LEU E 34 -11.52 17.47 1.48
C LEU E 34 -10.75 18.77 1.36
N ALA E 35 -11.32 19.84 1.93
CA ALA E 35 -10.78 21.18 1.76
C ALA E 35 -9.82 21.57 2.87
N GLU E 36 -8.80 22.33 2.51
CA GLU E 36 -7.89 22.90 3.49
C GLU E 36 -7.42 24.28 3.05
N ALA E 37 -6.99 25.08 4.03
CA ALA E 37 -6.37 26.37 3.76
C ALA E 37 -5.45 26.72 4.92
N PRO E 38 -4.35 27.45 4.64
CA PRO E 38 -3.55 27.90 5.77
C PRO E 38 -4.27 28.97 6.58
N ARG E 39 -3.89 29.11 7.85
CA ARG E 39 -4.40 30.17 8.72
C ARG E 39 -4.26 31.52 8.02
N GLY E 40 -5.34 32.31 8.05
CA GLY E 40 -5.38 33.59 7.35
C GLY E 40 -5.48 33.50 5.84
N GLY E 41 -5.64 32.28 5.32
CA GLY E 41 -5.73 32.06 3.87
C GLY E 41 -6.99 32.65 3.27
N ARG E 42 -6.94 32.88 1.95
CA ARG E 42 -8.09 33.41 1.22
C ARG E 42 -8.94 32.25 0.69
N VAL E 43 -10.22 32.27 1.07
CA VAL E 43 -11.17 31.19 0.78
C VAL E 43 -12.34 31.76 -0.03
N LEU E 44 -12.57 31.20 -1.23
CA LEU E 44 -13.50 31.77 -2.18
C LEU E 44 -14.61 30.78 -2.52
N GLU E 45 -15.86 31.26 -2.54
CA GLU E 45 -16.97 30.50 -3.11
C GLU E 45 -17.49 31.20 -4.36
N PRO E 46 -17.20 30.65 -5.55
CA PRO E 46 -17.78 31.18 -6.78
C PRO E 46 -19.28 30.85 -6.87
N ALA E 47 -20.04 31.73 -7.53
CA ALA E 47 -21.47 31.54 -7.77
C ALA E 47 -22.18 31.25 -6.44
N CYS E 48 -21.88 32.09 -5.46
CA CYS E 48 -22.11 31.71 -4.05
C CYS E 48 -23.53 31.84 -3.53
N ALA E 49 -24.34 32.72 -4.12
CA ALA E 49 -25.68 33.02 -3.55
C ALA E 49 -25.53 33.36 -2.06
N HIS E 50 -26.16 32.58 -1.18
CA HIS E 50 -26.08 32.84 0.26
C HIS E 50 -24.81 32.30 0.92
N GLY E 51 -23.95 31.62 0.15
CA GLY E 51 -22.64 31.18 0.62
C GLY E 51 -22.60 29.93 1.48
N PRO E 52 -23.30 28.86 1.08
CA PRO E 52 -23.32 27.66 1.94
C PRO E 52 -21.95 27.02 2.16
N PHE E 53 -21.06 27.10 1.17
CA PHE E 53 -19.75 26.51 1.33
C PHE E 53 -18.85 27.34 2.26
N LEU E 54 -18.92 28.66 2.13
CA LEU E 54 -18.20 29.54 3.08
C LEU E 54 -18.66 29.20 4.50
N ARG E 55 -19.98 29.11 4.69
CA ARG E 55 -20.55 28.87 6.01
C ARG E 55 -20.09 27.52 6.59
N ALA E 56 -20.14 26.48 5.76
CA ALA E 56 -19.74 25.14 6.21
C ALA E 56 -18.25 25.04 6.50
N PHE E 57 -17.43 25.67 5.67
CA PHE E 57 -16.00 25.72 5.90
C PHE E 57 -15.68 26.43 7.22
N ARG E 58 -16.33 27.57 7.44
CA ARG E 58 -16.14 28.33 8.68
C ARG E 58 -16.55 27.54 9.92
N GLU E 59 -17.68 26.86 9.85
CA GLU E 59 -18.14 26.03 10.96
C GLU E 59 -17.14 24.93 11.32
N ALA E 60 -16.51 24.35 10.31
CA ALA E 60 -15.60 23.23 10.53
C ALA E 60 -14.18 23.66 10.90
N HIS E 61 -13.73 24.80 10.37
CA HIS E 61 -12.34 25.21 10.52
C HIS E 61 -12.09 26.50 11.28
N GLY E 62 -13.16 27.22 11.64
CA GLY E 62 -13.04 28.46 12.37
C GLY E 62 -12.96 29.71 11.52
N THR E 63 -12.66 30.81 12.17
CA THR E 63 -12.89 32.14 11.60
C THR E 63 -11.63 32.82 11.06
N ALA E 64 -10.47 32.20 11.26
CA ALA E 64 -9.19 32.81 10.88
C ALA E 64 -8.86 32.58 9.40
N TYR E 65 -9.75 33.07 8.53
CA TYR E 65 -9.56 33.06 7.08
C TYR E 65 -10.22 34.30 6.52
N ARG E 66 -9.83 34.68 5.30
CA ARG E 66 -10.53 35.74 4.59
C ARG E 66 -11.54 35.10 3.61
N PHE E 67 -12.81 35.20 3.96
CA PHE E 67 -13.90 34.59 3.20
C PHE E 67 -14.45 35.55 2.16
N VAL E 68 -14.55 35.07 0.91
CA VAL E 68 -15.05 35.86 -0.21
C VAL E 68 -16.03 35.01 -1.01
N GLY E 69 -17.15 35.61 -1.40
CA GLY E 69 -18.11 35.00 -2.32
C GLY E 69 -18.31 35.89 -3.54
N VAL E 70 -18.46 35.28 -4.72
CA VAL E 70 -18.72 36.04 -5.95
C VAL E 70 -20.04 35.54 -6.53
N GLU E 71 -20.92 36.49 -6.86
CA GLU E 71 -22.27 36.19 -7.29
C GLU E 71 -22.74 37.22 -8.31
N ILE E 72 -23.33 36.77 -9.40
CA ILE E 72 -23.68 37.69 -10.49
C ILE E 72 -25.03 38.39 -10.30
N ASP E 73 -25.91 37.76 -9.52
CA ASP E 73 -27.29 38.19 -9.37
C ASP E 73 -27.46 38.88 -8.03
N PRO E 74 -27.74 40.20 -8.03
CA PRO E 74 -27.89 40.90 -6.76
C PRO E 74 -29.00 40.36 -5.86
N LYS E 75 -30.01 39.74 -6.46
CA LYS E 75 -31.11 39.15 -5.71
C LYS E 75 -30.66 37.89 -4.95
N ALA E 76 -29.56 37.29 -5.40
CA ALA E 76 -29.09 36.01 -4.85
C ALA E 76 -27.98 36.20 -3.81
N LEU E 77 -27.20 37.26 -3.95
CA LEU E 77 -26.07 37.46 -3.05
C LEU E 77 -26.57 37.81 -1.65
N ASP E 78 -26.24 36.97 -0.68
CA ASP E 78 -26.71 37.18 0.69
C ASP E 78 -25.77 36.53 1.69
N LEU E 79 -24.64 37.19 1.92
CA LEU E 79 -23.58 36.62 2.76
C LEU E 79 -23.61 37.24 4.15
N PRO E 80 -23.13 36.49 5.17
CA PRO E 80 -22.98 37.10 6.49
C PRO E 80 -21.91 38.19 6.48
N PRO E 81 -21.98 39.13 7.45
CA PRO E 81 -21.05 40.24 7.48
C PRO E 81 -19.56 39.87 7.61
N TRP E 82 -19.27 38.62 7.99
CA TRP E 82 -17.89 38.15 8.08
C TRP E 82 -17.26 37.76 6.73
N ALA E 83 -18.08 37.72 5.68
CA ALA E 83 -17.58 37.45 4.31
C ALA E 83 -17.67 38.68 3.44
N GLU E 84 -16.73 38.82 2.50
CA GLU E 84 -16.89 39.85 1.47
C GLU E 84 -17.67 39.29 0.28
N GLY E 85 -18.74 39.99 -0.09
CA GLY E 85 -19.53 39.65 -1.27
C GLY E 85 -19.25 40.58 -2.43
N ILE E 86 -18.92 40.00 -3.58
CA ILE E 86 -18.66 40.77 -4.78
C ILE E 86 -19.72 40.46 -5.82
N LEU E 87 -20.35 41.49 -6.39
CA LEU E 87 -21.31 41.32 -7.48
C LEU E 87 -20.54 41.36 -8.79
N ALA E 88 -20.37 40.19 -9.39
CA ALA E 88 -19.59 40.09 -10.63
C ALA E 88 -19.91 38.78 -11.33
N ASP E 89 -19.62 38.76 -12.63
CA ASP E 89 -19.55 37.52 -13.39
C ASP E 89 -18.22 36.88 -13.04
N PHE E 90 -18.25 35.74 -12.35
CA PHE E 90 -17.02 35.08 -11.89
C PHE E 90 -16.07 34.82 -13.05
N LEU E 91 -16.64 34.46 -14.20
CA LEU E 91 -15.84 34.07 -15.34
C LEU E 91 -15.01 35.19 -15.94
N LEU E 92 -15.40 36.44 -15.67
CA LEU E 92 -14.67 37.63 -16.19
C LEU E 92 -14.08 38.48 -15.05
N TRP E 93 -14.17 37.95 -13.83
CA TRP E 93 -13.73 38.66 -12.63
C TRP E 93 -12.21 38.64 -12.49
N GLU E 94 -11.63 39.81 -12.23
CA GLU E 94 -10.18 39.94 -12.08
C GLU E 94 -9.80 40.54 -10.73
N PRO E 95 -9.66 39.69 -9.70
CA PRO E 95 -9.32 40.16 -8.36
C PRO E 95 -7.85 40.57 -8.29
N GLY E 96 -7.50 41.34 -7.27
CA GLY E 96 -6.11 41.78 -7.08
C GLY E 96 -5.17 40.68 -6.64
N GLU E 97 -5.71 39.67 -5.93
CA GLU E 97 -4.91 38.62 -5.31
C GLU E 97 -5.52 37.21 -5.48
N ALA E 98 -4.65 36.23 -5.69
CA ALA E 98 -5.02 34.81 -5.83
C ALA E 98 -5.52 34.18 -4.53
N PHE E 99 -5.99 32.94 -4.61
CA PHE E 99 -6.68 32.31 -3.50
C PHE E 99 -6.04 31.01 -3.05
N ASP E 100 -6.17 30.72 -1.75
CA ASP E 100 -5.65 29.48 -1.18
C ASP E 100 -6.61 28.32 -1.36
N LEU E 101 -7.90 28.64 -1.31
CA LEU E 101 -8.93 27.61 -1.41
C LEU E 101 -10.12 28.18 -2.17
N ILE E 102 -10.60 27.42 -3.13
CA ILE E 102 -11.80 27.79 -3.87
C ILE E 102 -12.70 26.57 -3.80
N LEU E 103 -13.93 26.76 -3.35
CA LEU E 103 -14.83 25.62 -3.24
C LEU E 103 -16.24 26.02 -3.59
N GLY E 104 -17.01 25.08 -4.12
CA GLY E 104 -18.41 25.37 -4.41
C GLY E 104 -19.01 24.49 -5.46
N ASN E 105 -20.18 24.92 -5.92
CA ASN E 105 -20.92 24.17 -6.90
C ASN E 105 -21.26 25.14 -8.04
N PRO E 106 -20.50 25.09 -9.14
CA PRO E 106 -20.68 26.08 -10.21
C PRO E 106 -21.94 25.78 -11.02
N PRO E 107 -22.46 26.79 -11.73
CA PRO E 107 -23.62 26.52 -12.60
C PRO E 107 -23.22 25.54 -13.71
N TYR E 108 -24.14 24.66 -14.08
CA TYR E 108 -23.92 23.73 -15.18
C TYR E 108 -24.79 24.14 -16.35
N GLY E 109 -24.26 24.03 -17.55
CA GLY E 109 -25.11 24.22 -18.72
C GLY E 109 -24.36 24.73 -19.94
N ILE E 110 -24.91 24.41 -21.10
CA ILE E 110 -24.38 24.87 -22.38
C ILE E 110 -24.90 26.26 -22.71
N VAL E 111 -23.99 27.14 -23.13
CA VAL E 111 -24.35 28.47 -23.59
C VAL E 111 -24.82 28.44 -25.06
N GLY E 112 -26.07 28.78 -25.29
CA GLY E 112 -26.59 28.75 -26.66
C GLY E 112 -28.02 29.22 -26.75
N GLU E 113 -28.56 29.18 -27.97
CA GLU E 113 -29.90 29.66 -28.28
C GLU E 113 -30.94 29.00 -27.37
N ALA E 114 -31.89 29.78 -26.88
CA ALA E 114 -32.83 29.32 -25.84
C ALA E 114 -33.75 28.17 -26.25
N SER E 115 -34.00 28.03 -27.55
CA SER E 115 -34.85 26.94 -28.04
C SER E 115 -34.23 25.57 -27.78
N LYS E 116 -32.91 25.54 -27.54
CA LYS E 116 -32.20 24.28 -27.43
C LYS E 116 -31.28 24.17 -26.21
N TYR E 117 -30.78 25.31 -25.74
CA TYR E 117 -29.78 25.32 -24.66
C TYR E 117 -30.19 26.23 -23.52
N PRO E 118 -29.74 25.93 -22.30
CA PRO E 118 -30.28 26.67 -21.14
C PRO E 118 -29.63 27.99 -20.72
N ILE E 119 -28.40 28.27 -21.16
CA ILE E 119 -27.70 29.47 -20.68
C ILE E 119 -27.71 30.51 -21.77
N HIS E 120 -28.31 31.67 -21.47
CA HIS E 120 -28.61 32.68 -22.49
C HIS E 120 -27.88 33.97 -22.16
N VAL E 121 -26.91 34.31 -23.01
CA VAL E 121 -26.15 35.56 -22.89
C VAL E 121 -25.95 36.16 -24.29
N PHE E 122 -25.67 37.46 -24.37
CA PHE E 122 -25.28 38.06 -25.64
C PHE E 122 -24.12 37.29 -26.27
N LYS E 123 -24.14 37.19 -27.59
CA LYS E 123 -23.01 36.63 -28.32
C LYS E 123 -21.69 37.27 -27.85
N ALA E 124 -21.70 38.59 -27.64
CA ALA E 124 -20.50 39.29 -27.17
C ALA E 124 -19.93 38.72 -25.87
N VAL E 125 -20.82 38.33 -24.96
CA VAL E 125 -20.40 37.75 -23.68
C VAL E 125 -19.81 36.36 -23.93
N LYS E 126 -20.48 35.56 -24.76
CA LYS E 126 -19.92 34.25 -25.10
C LYS E 126 -18.53 34.38 -25.74
N ASP E 127 -18.36 35.38 -26.60
CA ASP E 127 -17.05 35.70 -27.20
C ASP E 127 -15.98 36.01 -26.14
N LEU E 128 -16.35 36.75 -25.10
CA LEU E 128 -15.43 37.03 -24.00
C LEU E 128 -15.01 35.76 -23.26
N TYR E 129 -15.96 34.84 -23.10
CA TYR E 129 -15.68 33.56 -22.44
C TYR E 129 -14.72 32.75 -23.29
N LYS E 130 -14.99 32.66 -24.59
CA LYS E 130 -14.10 31.92 -25.49
C LYS E 130 -12.68 32.46 -25.45
N LYS E 131 -12.57 33.79 -25.44
CA LYS E 131 -11.26 34.45 -25.36
C LYS E 131 -10.55 34.17 -24.04
N ALA E 132 -11.32 34.14 -22.95
CA ALA E 132 -10.78 33.96 -21.61
C ALA E 132 -10.29 32.54 -21.31
N PHE E 133 -10.88 31.54 -21.96
CA PHE E 133 -10.67 30.15 -21.56
C PHE E 133 -9.97 29.27 -22.58
N SER E 134 -8.74 28.90 -22.27
CA SER E 134 -7.96 28.04 -23.16
C SER E 134 -8.56 26.65 -23.33
N THR E 135 -9.42 26.24 -22.40
CA THR E 135 -10.00 24.90 -22.46
C THR E 135 -11.33 24.85 -23.22
N TRP E 136 -11.84 26.01 -23.66
CA TRP E 136 -13.14 26.08 -24.32
C TRP E 136 -13.07 25.28 -25.62
N LYS E 137 -13.98 24.32 -25.77
CA LYS E 137 -13.98 23.45 -26.94
C LYS E 137 -15.42 23.07 -27.29
N GLY E 138 -15.71 23.02 -28.59
CA GLY E 138 -17.06 22.62 -29.05
C GLY E 138 -18.11 23.56 -28.48
N LYS E 139 -19.24 23.00 -28.04
CA LYS E 139 -20.27 23.79 -27.38
C LYS E 139 -19.84 24.15 -25.95
N TYR E 140 -19.01 23.30 -25.36
CA TYR E 140 -18.48 23.46 -23.99
C TYR E 140 -19.59 23.62 -22.95
N ASN E 141 -19.26 24.17 -21.78
CA ASN E 141 -20.20 24.18 -20.67
C ASN E 141 -19.70 25.17 -19.65
N LEU E 142 -20.62 25.88 -19.02
CA LEU E 142 -20.24 26.77 -17.90
C LEU E 142 -19.37 26.07 -16.85
N TYR E 143 -19.63 24.80 -16.57
CA TYR E 143 -18.93 24.15 -15.47
C TYR E 143 -17.45 23.96 -15.80
N GLY E 144 -17.14 23.72 -17.07
CA GLY E 144 -15.74 23.68 -17.54
C GLY E 144 -15.04 25.01 -17.43
N ALA E 145 -15.73 26.07 -17.85
CA ALA E 145 -15.20 27.44 -17.70
C ALA E 145 -14.98 27.78 -16.23
N PHE E 146 -15.93 27.43 -15.36
CA PHE E 146 -15.75 27.68 -13.92
C PHE E 146 -14.53 26.95 -13.35
N LEU E 147 -14.30 25.72 -13.78
CA LEU E 147 -13.14 24.94 -13.34
C LEU E 147 -11.85 25.60 -13.82
N GLU E 148 -11.81 25.98 -15.09
CA GLU E 148 -10.60 26.62 -15.60
C GLU E 148 -10.32 27.93 -14.85
N LYS E 149 -11.35 28.77 -14.75
CA LYS E 149 -11.21 30.05 -14.07
C LYS E 149 -10.69 29.84 -12.64
N ALA E 150 -11.27 28.86 -11.94
CA ALA E 150 -10.88 28.62 -10.55
C ALA E 150 -9.40 28.25 -10.46
N VAL E 151 -8.96 27.33 -11.31
CA VAL E 151 -7.54 26.91 -11.32
C VAL E 151 -6.64 28.13 -11.56
N ARG E 152 -7.00 28.97 -12.53
CA ARG E 152 -6.24 30.20 -12.82
C ARG E 152 -6.15 31.17 -11.63
N LEU E 153 -7.14 31.11 -10.75
CA LEU E 153 -7.20 31.99 -9.58
C LEU E 153 -6.51 31.41 -8.34
N LEU E 154 -6.05 30.16 -8.42
CA LEU E 154 -5.38 29.55 -7.28
C LEU E 154 -3.94 30.03 -7.19
N LYS E 155 -3.49 30.27 -5.96
CA LYS E 155 -2.07 30.40 -5.66
C LYS E 155 -1.39 29.06 -5.96
N PRO E 156 -0.07 29.08 -6.27
CA PRO E 156 0.68 27.82 -6.29
C PRO E 156 0.43 27.04 -5.00
N GLY E 157 0.16 25.74 -5.15
CA GLY E 157 -0.20 24.86 -4.03
C GLY E 157 -1.61 25.04 -3.45
N GLY E 158 -2.39 25.94 -4.04
CA GLY E 158 -3.79 26.16 -3.64
C GLY E 158 -4.69 24.97 -3.98
N VAL E 159 -5.87 24.94 -3.36
CA VAL E 159 -6.80 23.80 -3.50
C VAL E 159 -8.16 24.27 -3.99
N LEU E 160 -8.70 23.50 -4.93
CA LEU E 160 -10.06 23.68 -5.45
C LEU E 160 -10.84 22.42 -5.09
N VAL E 161 -12.08 22.60 -4.61
CA VAL E 161 -12.99 21.47 -4.41
C VAL E 161 -14.35 21.87 -4.98
N PHE E 162 -14.75 21.24 -6.09
CA PHE E 162 -16.00 21.55 -6.77
C PHE E 162 -16.77 20.26 -6.92
N VAL E 163 -18.10 20.39 -6.98
CA VAL E 163 -18.96 19.30 -7.45
C VAL E 163 -19.48 19.69 -8.84
N VAL E 164 -19.34 18.78 -9.79
CA VAL E 164 -19.69 19.05 -11.18
C VAL E 164 -20.21 17.77 -11.82
N PRO E 165 -20.81 17.88 -13.03
CA PRO E 165 -21.16 16.66 -13.76
C PRO E 165 -19.94 15.75 -14.03
N ALA E 166 -20.21 14.46 -14.15
CA ALA E 166 -19.20 13.45 -14.44
C ALA E 166 -18.75 13.46 -15.91
N THR E 167 -19.41 14.28 -16.73
CA THR E 167 -19.28 14.12 -18.18
C THR E 167 -17.88 14.44 -18.69
N TRP E 168 -17.19 15.35 -18.00
CA TRP E 168 -15.82 15.73 -18.39
C TRP E 168 -14.83 14.57 -18.24
N LEU E 169 -15.19 13.52 -17.50
CA LEU E 169 -14.31 12.35 -17.39
C LEU E 169 -14.07 11.70 -18.77
N VAL E 170 -15.09 11.76 -19.63
CA VAL E 170 -15.08 10.96 -20.85
C VAL E 170 -15.25 11.73 -22.15
N LEU E 171 -15.88 12.91 -22.09
CA LEU E 171 -16.30 13.57 -23.34
C LEU E 171 -15.22 14.39 -24.06
N GLU E 172 -15.30 14.36 -25.39
CA GLU E 172 -14.35 15.11 -26.20
C GLU E 172 -14.35 16.62 -25.92
N ASP E 173 -15.51 17.20 -25.63
CA ASP E 173 -15.56 18.63 -25.36
C ASP E 173 -14.66 19.03 -24.18
N PHE E 174 -14.33 18.05 -23.33
CA PHE E 174 -13.53 18.33 -22.13
C PHE E 174 -12.10 17.85 -22.22
N ALA E 175 -11.68 17.50 -23.43
CA ALA E 175 -10.30 17.00 -23.61
C ALA E 175 -9.29 18.05 -23.20
N LEU E 176 -9.50 19.30 -23.60
CA LEU E 176 -8.54 20.36 -23.27
C LEU E 176 -8.58 20.62 -21.76
N LEU E 177 -9.76 20.53 -21.17
CA LEU E 177 -9.87 20.67 -19.71
C LEU E 177 -9.07 19.60 -18.96
N ARG E 178 -9.23 18.34 -19.38
CA ARG E 178 -8.52 17.25 -18.73
C ARG E 178 -7.00 17.45 -18.88
N GLU E 179 -6.57 17.87 -20.07
CA GLU E 179 -5.14 18.07 -20.31
C GLU E 179 -4.60 19.22 -19.47
N PHE E 180 -5.42 20.25 -19.31
CA PHE E 180 -5.09 21.44 -18.51
C PHE E 180 -4.94 21.06 -17.04
N LEU E 181 -5.95 20.39 -16.48
CA LEU E 181 -5.84 19.89 -15.09
C LEU E 181 -4.58 19.04 -14.89
N ALA E 182 -4.34 18.12 -15.82
CA ALA E 182 -3.21 17.21 -15.75
C ALA E 182 -1.88 17.96 -15.68
N ARG E 183 -1.74 19.07 -16.39
CA ARG E 183 -0.45 19.77 -16.41
C ARG E 183 -0.33 20.86 -15.34
N GLU E 184 -1.48 21.31 -14.81
CA GLU E 184 -1.49 22.42 -13.84
C GLU E 184 -1.29 21.96 -12.39
N GLY E 185 -1.50 20.69 -12.12
CA GLY E 185 -1.42 20.18 -10.74
C GLY E 185 -1.83 18.73 -10.60
N LYS E 186 -2.27 18.37 -9.39
CA LYS E 186 -2.72 17.02 -9.10
C LYS E 186 -4.22 16.98 -8.87
N THR E 187 -4.85 15.89 -9.30
CA THR E 187 -6.31 15.81 -9.35
C THR E 187 -6.82 14.54 -8.65
N SER E 188 -7.82 14.70 -7.78
CA SER E 188 -8.56 13.55 -7.25
C SER E 188 -9.99 13.69 -7.70
N VAL E 189 -10.57 12.60 -8.19
CA VAL E 189 -11.96 12.59 -8.63
C VAL E 189 -12.72 11.57 -7.80
N TYR E 190 -13.85 11.99 -7.23
CA TYR E 190 -14.67 11.15 -6.35
C TYR E 190 -16.03 11.02 -6.98
N TYR E 191 -16.37 9.82 -7.39
CA TYR E 191 -17.67 9.59 -8.01
C TYR E 191 -18.78 9.64 -6.98
N LEU E 192 -19.77 10.49 -7.25
CA LEU E 192 -21.00 10.53 -6.44
C LEU E 192 -22.19 9.89 -7.11
N GLY E 193 -22.42 10.22 -8.38
CA GLY E 193 -23.57 9.74 -9.14
C GLY E 193 -24.74 10.72 -9.03
N GLU E 194 -25.96 10.20 -9.13
CA GLU E 194 -27.16 11.04 -9.20
C GLU E 194 -27.62 11.47 -7.82
N VAL E 195 -26.89 12.40 -7.24
CA VAL E 195 -27.07 12.82 -5.84
C VAL E 195 -27.85 14.12 -5.64
N PHE E 196 -28.25 14.77 -6.74
CA PHE E 196 -29.08 15.96 -6.63
C PHE E 196 -30.53 15.56 -6.87
N PRO E 197 -31.36 15.61 -5.83
CA PRO E 197 -32.77 15.28 -6.04
C PRO E 197 -33.39 16.18 -7.12
N GLN E 198 -34.26 15.60 -7.93
CA GLN E 198 -34.91 16.29 -9.05
C GLN E 198 -33.99 16.93 -10.11
N LYS E 199 -32.70 16.59 -10.11
CA LYS E 199 -31.82 16.96 -11.23
C LYS E 199 -31.27 15.71 -11.89
N LYS E 200 -31.42 15.62 -13.21
CA LYS E 200 -30.93 14.47 -13.94
C LYS E 200 -29.49 14.74 -14.36
N VAL E 201 -28.55 14.37 -13.50
CA VAL E 201 -27.12 14.60 -13.71
C VAL E 201 -26.37 13.64 -12.80
N SER E 202 -25.32 13.03 -13.33
CA SER E 202 -24.43 12.19 -12.53
C SER E 202 -23.21 13.03 -12.22
N ALA E 203 -22.90 13.15 -10.93
CA ALA E 203 -21.91 14.09 -10.44
C ALA E 203 -20.65 13.47 -9.88
N VAL E 204 -19.56 14.24 -9.94
CA VAL E 204 -18.32 13.92 -9.25
C VAL E 204 -17.88 15.10 -8.42
N VAL E 205 -17.06 14.82 -7.40
CA VAL E 205 -16.32 15.89 -6.74
C VAL E 205 -14.90 15.86 -7.31
N ILE E 206 -14.39 17.03 -7.64
CA ILE E 206 -12.97 17.16 -7.97
C ILE E 206 -12.26 17.93 -6.87
N ARG E 207 -11.19 17.32 -6.34
CA ARG E 207 -10.24 18.00 -5.48
C ARG E 207 -8.96 18.18 -6.31
N PHE E 208 -8.63 19.42 -6.61
CA PHE E 208 -7.44 19.74 -7.40
C PHE E 208 -6.51 20.59 -6.57
N GLN E 209 -5.22 20.29 -6.65
CA GLN E 209 -4.22 21.10 -5.96
C GLN E 209 -3.19 21.57 -6.98
N LYS E 210 -2.88 22.86 -6.93
CA LYS E 210 -2.04 23.49 -7.95
C LYS E 210 -0.55 23.27 -7.64
N SER E 211 -0.19 21.99 -7.61
CA SER E 211 1.18 21.51 -7.42
C SER E 211 1.19 20.00 -7.67
N GLY E 212 2.37 19.43 -7.91
CA GLY E 212 2.48 17.99 -8.11
C GLY E 212 1.79 17.58 -9.41
N LYS E 213 1.44 16.30 -9.49
CA LYS E 213 0.88 15.77 -10.73
C LYS E 213 0.15 14.47 -10.48
N GLY E 214 -0.55 13.99 -11.50
CA GLY E 214 -1.20 12.71 -11.43
C GLY E 214 -2.67 12.80 -11.13
N LEU E 215 -3.32 11.65 -11.25
CA LEU E 215 -4.76 11.51 -10.99
C LEU E 215 -5.02 10.41 -9.97
N SER E 216 -5.95 10.66 -9.06
CA SER E 216 -6.47 9.61 -8.19
C SER E 216 -7.97 9.50 -8.39
N LEU E 217 -8.43 8.28 -8.60
CA LEU E 217 -9.87 8.03 -8.80
C LEU E 217 -10.45 7.30 -7.60
N TRP E 218 -11.55 7.84 -7.09
CA TRP E 218 -12.19 7.33 -5.90
C TRP E 218 -13.66 7.04 -6.14
N ASP E 219 -14.13 5.93 -5.58
CA ASP E 219 -15.56 5.71 -5.48
C ASP E 219 -16.01 6.35 -4.16
N THR E 220 -17.32 6.36 -3.91
CA THR E 220 -17.84 6.75 -2.59
C THR E 220 -18.91 5.76 -2.15
N GLN E 221 -19.10 5.68 -0.84
CA GLN E 221 -20.27 4.99 -0.26
C GLN E 221 -21.01 6.00 0.61
N GLU E 222 -22.33 6.05 0.47
CA GLU E 222 -23.16 6.97 1.27
C GLU E 222 -23.82 6.23 2.40
N SER E 223 -23.69 6.80 3.60
CA SER E 223 -24.36 6.28 4.78
C SER E 223 -25.05 7.44 5.48
N GLU E 224 -25.77 7.15 6.56
CA GLU E 224 -26.37 8.21 7.36
C GLU E 224 -25.34 9.25 7.82
N SER E 225 -24.13 8.78 8.11
CA SER E 225 -23.02 9.62 8.56
C SER E 225 -22.46 10.49 7.42
N GLY E 226 -22.88 10.21 6.19
CA GLY E 226 -22.41 10.96 5.01
C GLY E 226 -21.68 10.12 3.98
N PHE E 227 -20.84 10.77 3.17
CA PHE E 227 -20.05 10.08 2.14
C PHE E 227 -18.66 9.70 2.63
N THR E 228 -18.24 8.49 2.29
CA THR E 228 -16.91 7.97 2.59
C THR E 228 -16.20 7.67 1.27
N PRO E 229 -14.99 8.21 1.09
CA PRO E 229 -14.25 7.88 -0.13
C PRO E 229 -13.63 6.49 -0.06
N ILE E 230 -13.55 5.85 -1.23
CA ILE E 230 -12.96 4.52 -1.38
C ILE E 230 -12.01 4.59 -2.56
N LEU E 231 -10.71 4.41 -2.31
CA LEU E 231 -9.73 4.52 -3.38
C LEU E 231 -9.95 3.44 -4.43
N TRP E 232 -10.04 3.85 -5.70
CA TRP E 232 -10.32 2.91 -6.78
C TRP E 232 -9.06 2.65 -7.61
N ALA E 233 -8.41 3.72 -8.05
CA ALA E 233 -7.19 3.58 -8.88
C ALA E 233 -6.36 4.85 -8.87
N GLU E 234 -5.09 4.70 -9.24
CA GLU E 234 -4.17 5.81 -9.30
C GLU E 234 -3.46 5.80 -10.63
N TYR E 235 -3.34 6.99 -11.22
CA TYR E 235 -2.66 7.19 -12.49
C TYR E 235 -1.64 8.32 -12.30
N PRO E 236 -0.44 7.98 -11.79
CA PRO E 236 0.52 9.00 -11.40
C PRO E 236 1.09 9.83 -12.58
N HIS E 237 0.93 9.32 -13.80
CA HIS E 237 1.42 10.00 -14.99
C HIS E 237 0.31 10.48 -15.90
N TRP E 238 -0.89 10.59 -15.35
CA TRP E 238 -2.04 11.10 -16.10
C TRP E 238 -1.69 12.37 -16.88
N GLU E 239 -2.01 12.36 -18.17
CA GLU E 239 -1.79 13.52 -19.02
C GLU E 239 -3.10 14.05 -19.61
N GLY E 240 -4.22 13.66 -19.02
CA GLY E 240 -5.53 14.13 -19.48
C GLY E 240 -6.33 13.11 -20.28
N GLU E 241 -5.89 11.85 -20.24
CA GLU E 241 -6.63 10.77 -20.89
C GLU E 241 -8.04 10.66 -20.29
N ILE E 242 -8.96 10.09 -21.06
CA ILE E 242 -10.27 9.72 -20.53
C ILE E 242 -10.14 8.96 -19.22
N ILE E 243 -11.01 9.30 -18.27
CA ILE E 243 -11.03 8.68 -16.94
C ILE E 243 -12.13 7.62 -16.87
N ARG E 244 -11.75 6.40 -16.48
CA ARG E 244 -12.66 5.26 -16.45
C ARG E 244 -12.43 4.51 -15.16
N PHE E 245 -13.45 3.76 -14.74
CA PHE E 245 -13.35 2.79 -13.63
C PHE E 245 -12.89 1.44 -14.19
N GLU E 246 -11.57 1.22 -14.17
CA GLU E 246 -10.99 -0.01 -14.70
C GLU E 246 -10.89 -1.08 -13.63
N THR E 247 -10.93 -2.33 -14.07
CA THR E 247 -10.76 -3.46 -13.17
C THR E 247 -9.87 -4.50 -13.85
N GLU E 248 -9.46 -5.49 -13.08
CA GLU E 248 -8.73 -6.63 -13.61
C GLU E 248 -9.48 -7.23 -14.80
N GLU E 249 -10.81 -7.29 -14.70
CA GLU E 249 -11.63 -7.91 -15.73
C GLU E 249 -11.75 -7.04 -16.98
N THR E 250 -11.93 -5.72 -16.81
CA THR E 250 -11.97 -4.85 -18.00
C THR E 250 -10.66 -4.88 -18.77
N ARG E 251 -9.54 -4.90 -18.04
CA ARG E 251 -8.22 -5.03 -18.67
C ARG E 251 -8.07 -6.35 -19.44
N LYS E 252 -8.50 -7.43 -18.81
CA LYS E 252 -8.38 -8.76 -19.38
C LYS E 252 -9.20 -8.87 -20.66
N LEU E 253 -10.39 -8.27 -20.65
CA LEU E 253 -11.21 -8.29 -21.85
C LEU E 253 -10.63 -7.40 -22.94
N GLU E 254 -10.13 -6.23 -22.57
CA GLU E 254 -9.56 -5.32 -23.57
C GLU E 254 -8.33 -5.89 -24.31
N ILE E 255 -7.49 -6.66 -23.63
CA ILE E 255 -6.37 -7.27 -24.39
C ILE E 255 -6.72 -8.55 -25.15
N SER E 256 -7.93 -9.07 -24.95
CA SER E 256 -8.37 -10.33 -25.61
C SER E 256 -8.68 -10.21 -27.11
N GLY E 257 -8.86 -8.98 -27.59
CA GLY E 257 -9.26 -8.79 -28.99
C GLY E 257 -8.87 -7.43 -29.50
N MET E 258 -9.11 -7.21 -30.79
CA MET E 258 -8.76 -5.94 -31.40
C MET E 258 -9.82 -4.91 -31.04
N PRO E 259 -9.41 -3.64 -30.89
CA PRO E 259 -10.44 -2.62 -30.65
C PRO E 259 -11.37 -2.54 -31.86
N LEU E 260 -12.67 -2.41 -31.61
CA LEU E 260 -13.66 -2.29 -32.67
C LEU E 260 -13.28 -1.21 -33.70
N GLY E 261 -12.70 -0.11 -33.24
CA GLY E 261 -12.32 1.01 -34.11
C GLY E 261 -11.19 0.68 -35.08
N ASP E 262 -10.48 -0.41 -34.81
CA ASP E 262 -9.41 -0.88 -35.72
C ASP E 262 -10.00 -1.69 -36.86
N LEU E 263 -11.24 -2.15 -36.71
CA LEU E 263 -11.92 -2.98 -37.70
C LEU E 263 -12.93 -2.20 -38.54
N PHE E 264 -13.49 -1.14 -37.96
CA PHE E 264 -14.53 -0.34 -38.62
C PHE E 264 -14.22 1.14 -38.63
N HIS E 265 -14.56 1.80 -39.74
CA HIS E 265 -14.76 3.25 -39.75
C HIS E 265 -16.08 3.48 -39.02
N ILE E 266 -16.09 4.45 -38.11
CA ILE E 266 -17.32 4.75 -37.38
C ILE E 266 -17.82 6.12 -37.78
N ARG E 267 -19.04 6.14 -38.31
CA ARG E 267 -19.65 7.37 -38.80
C ARG E 267 -20.95 7.59 -38.03
N PHE E 268 -21.47 8.81 -38.08
CA PHE E 268 -22.76 9.07 -37.46
C PHE E 268 -23.83 9.29 -38.53
N ALA E 269 -25.09 9.14 -38.13
CA ALA E 269 -26.19 9.44 -39.05
C ALA E 269 -26.19 10.90 -39.48
N ALA E 270 -26.71 11.16 -40.68
CA ALA E 270 -27.10 12.52 -41.07
C ALA E 270 -28.06 13.08 -40.01
N ARG E 271 -27.98 14.39 -39.76
CA ARG E 271 -28.77 14.98 -38.69
C ARG E 271 -30.17 15.40 -39.17
N SER E 272 -31.08 15.55 -38.22
CA SER E 272 -32.47 15.93 -38.55
C SER E 272 -32.66 17.09 -39.57
N PRO E 273 -31.91 18.21 -39.43
CA PRO E 273 -32.14 19.30 -40.40
C PRO E 273 -31.76 18.91 -41.83
N GLU E 274 -30.78 18.02 -41.99
CA GLU E 274 -30.37 17.58 -43.33
C GLU E 274 -31.51 16.85 -44.03
N PHE E 275 -32.21 15.99 -43.29
CA PHE E 275 -33.38 15.30 -43.85
C PHE E 275 -34.52 16.27 -44.09
N LYS E 276 -34.76 17.15 -43.13
CA LYS E 276 -35.94 18.03 -43.18
C LYS E 276 -35.96 18.94 -44.39
N LYS E 277 -34.79 19.36 -44.87
CA LYS E 277 -34.73 20.23 -46.05
C LYS E 277 -34.55 19.47 -47.36
N HIS E 278 -34.28 18.16 -47.30
CA HIS E 278 -34.01 17.40 -48.51
C HIS E 278 -35.27 17.21 -49.37
N PRO E 279 -35.19 17.54 -50.67
CA PRO E 279 -36.40 17.52 -51.52
C PRO E 279 -37.10 16.17 -51.64
N ALA E 280 -36.39 15.08 -51.36
CA ALA E 280 -36.97 13.74 -51.43
C ALA E 280 -37.74 13.36 -50.16
N VAL E 281 -37.53 14.12 -49.09
CA VAL E 281 -38.12 13.78 -47.80
C VAL E 281 -39.54 14.32 -47.67
N ARG E 282 -40.42 13.50 -47.10
CA ARG E 282 -41.83 13.84 -46.91
C ARG E 282 -42.23 13.69 -45.44
N LYS E 283 -43.33 14.34 -45.05
CA LYS E 283 -43.83 14.28 -43.69
C LYS E 283 -44.98 13.29 -43.53
N GLU E 284 -45.27 12.56 -44.61
CA GLU E 284 -46.37 11.61 -44.61
C GLU E 284 -45.94 10.35 -45.37
N PRO E 285 -46.48 9.19 -44.97
CA PRO E 285 -46.16 7.98 -45.71
C PRO E 285 -46.77 8.02 -47.11
N GLY E 286 -46.34 7.12 -47.98
CA GLY E 286 -46.82 7.10 -49.36
C GLY E 286 -46.11 6.05 -50.17
N PRO E 287 -46.55 5.84 -51.43
CA PRO E 287 -45.98 4.78 -52.23
C PRO E 287 -44.48 4.97 -52.45
N GLY E 288 -43.73 3.90 -52.26
CA GLY E 288 -42.29 3.91 -52.46
C GLY E 288 -41.52 4.63 -51.37
N LEU E 289 -42.21 5.09 -50.32
CA LEU E 289 -41.54 5.80 -49.22
C LEU E 289 -41.31 4.86 -48.04
N VAL E 290 -40.18 5.03 -47.35
CA VAL E 290 -39.92 4.28 -46.11
C VAL E 290 -39.60 5.26 -44.98
N PRO E 291 -39.79 4.83 -43.71
CA PRO E 291 -39.46 5.76 -42.60
C PRO E 291 -37.96 6.05 -42.49
N VAL E 292 -37.65 7.29 -42.10
CA VAL E 292 -36.29 7.63 -41.70
C VAL E 292 -36.18 7.17 -40.25
N LEU E 293 -35.25 6.24 -40.02
CA LEU E 293 -35.21 5.52 -38.75
C LEU E 293 -34.51 6.31 -37.64
N THR E 294 -34.94 6.07 -36.39
CA THR E 294 -34.23 6.65 -35.24
C THR E 294 -33.78 5.57 -34.26
N GLY E 295 -33.28 5.98 -33.09
CA GLY E 295 -32.89 5.00 -32.08
C GLY E 295 -34.07 4.13 -31.63
N ARG E 296 -35.29 4.64 -31.82
CA ARG E 296 -36.47 3.87 -31.45
C ARG E 296 -36.76 2.71 -32.41
N ASN E 297 -36.09 2.71 -33.56
CA ASN E 297 -36.20 1.63 -34.54
C ASN E 297 -35.15 0.56 -34.33
N LEU E 298 -34.18 0.86 -33.47
CA LEU E 298 -33.04 -0.03 -33.24
C LEU E 298 -33.24 -0.82 -31.96
N LYS E 299 -33.20 -2.14 -32.08
CA LYS E 299 -33.35 -3.04 -30.92
C LYS E 299 -32.13 -3.97 -30.87
N PRO E 300 -31.88 -4.62 -29.73
CA PRO E 300 -30.76 -5.58 -29.75
C PRO E 300 -30.98 -6.72 -30.75
N GLY E 301 -30.16 -6.74 -31.80
CA GLY E 301 -30.22 -7.80 -32.80
C GLY E 301 -31.22 -7.63 -33.92
N TRP E 302 -32.02 -6.55 -33.91
CA TRP E 302 -32.95 -6.33 -35.02
C TRP E 302 -33.35 -4.89 -35.22
N VAL E 303 -33.84 -4.61 -36.42
CA VAL E 303 -34.31 -3.28 -36.81
C VAL E 303 -35.81 -3.31 -37.14
N ASP E 304 -36.55 -2.38 -36.54
CA ASP E 304 -37.97 -2.21 -36.88
C ASP E 304 -38.04 -1.28 -38.08
N TYR E 305 -38.38 -1.82 -39.24
CA TYR E 305 -38.42 -1.00 -40.46
C TYR E 305 -39.78 -0.34 -40.71
N GLU E 306 -40.76 -0.67 -39.88
CA GLU E 306 -42.14 -0.27 -40.16
C GLU E 306 -42.59 0.97 -39.42
N LYS E 307 -42.25 1.08 -38.13
CA LYS E 307 -42.76 2.17 -37.31
C LYS E 307 -41.99 3.44 -37.55
N ASN E 308 -42.71 4.56 -37.59
CA ASN E 308 -42.08 5.83 -37.81
C ASN E 308 -42.02 6.67 -36.54
N HIS E 309 -40.80 7.02 -36.14
CA HIS E 309 -40.58 7.81 -34.96
C HIS E 309 -40.01 9.19 -35.25
N SER E 310 -39.67 9.47 -36.51
CA SER E 310 -39.01 10.74 -36.88
C SER E 310 -39.97 11.76 -37.49
N GLY E 311 -41.11 11.27 -37.97
CA GLY E 311 -42.06 12.11 -38.69
C GLY E 311 -41.64 12.30 -40.15
N LEU E 312 -40.59 11.58 -40.56
CA LEU E 312 -40.01 11.75 -41.89
C LEU E 312 -39.99 10.45 -42.70
N TRP E 313 -40.26 10.57 -44.01
CA TRP E 313 -40.27 9.43 -44.94
C TRP E 313 -39.54 9.82 -46.20
N MET E 314 -38.94 8.84 -46.87
CA MET E 314 -38.30 9.11 -48.14
C MET E 314 -38.14 7.83 -48.93
N PRO E 315 -37.84 7.95 -50.24
CA PRO E 315 -37.54 6.74 -50.99
C PRO E 315 -36.22 6.16 -50.51
N LYS E 316 -36.24 4.85 -50.20
CA LYS E 316 -35.05 4.17 -49.78
C LYS E 316 -33.84 4.48 -50.68
N GLU E 317 -34.07 4.48 -51.99
CA GLU E 317 -32.97 4.58 -52.94
C GLU E 317 -32.27 5.95 -52.94
N ARG E 318 -32.94 6.95 -52.39
CA ARG E 318 -32.38 8.29 -52.33
C ARG E 318 -31.61 8.54 -51.04
N ALA E 319 -31.65 7.58 -50.11
CA ALA E 319 -30.93 7.74 -48.84
C ALA E 319 -29.45 8.03 -49.03
N LYS E 320 -28.87 7.42 -50.06
CA LYS E 320 -27.44 7.58 -50.33
C LYS E 320 -27.02 9.04 -50.63
N GLU E 321 -27.99 9.88 -50.99
CA GLU E 321 -27.71 11.30 -51.26
C GLU E 321 -27.37 12.05 -49.98
N LEU E 322 -27.85 11.53 -48.84
CA LEU E 322 -27.51 12.09 -47.53
C LEU E 322 -26.20 11.53 -46.98
N ARG E 323 -26.08 10.20 -46.95
CA ARG E 323 -24.80 9.56 -46.68
C ARG E 323 -24.64 8.37 -47.62
N ASP E 324 -23.49 8.31 -48.30
CA ASP E 324 -23.26 7.23 -49.27
C ASP E 324 -23.46 5.84 -48.68
N PHE E 325 -23.15 5.68 -47.39
CA PHE E 325 -23.21 4.35 -46.76
C PHE E 325 -24.62 3.83 -46.46
N TYR E 326 -25.65 4.68 -46.65
CA TYR E 326 -27.02 4.23 -46.46
C TYR E 326 -27.43 3.25 -47.55
N ALA E 327 -26.61 3.17 -48.62
CA ALA E 327 -26.87 2.24 -49.71
C ALA E 327 -26.42 0.81 -49.39
N THR E 328 -25.61 0.65 -48.34
CA THR E 328 -24.88 -0.59 -48.09
C THR E 328 -25.33 -1.22 -46.77
N PRO E 329 -25.73 -2.51 -46.75
CA PRO E 329 -26.08 -3.14 -45.46
C PRO E 329 -24.87 -3.05 -44.52
N HIS E 330 -25.11 -2.73 -43.25
CA HIS E 330 -23.98 -2.48 -42.37
C HIS E 330 -24.44 -2.49 -40.92
N LEU E 331 -23.46 -2.51 -40.03
CA LEU E 331 -23.69 -2.58 -38.59
C LEU E 331 -24.06 -1.19 -38.03
N VAL E 332 -25.10 -1.19 -37.19
CA VAL E 332 -25.59 0.02 -36.54
C VAL E 332 -25.49 -0.20 -35.02
N VAL E 333 -24.97 0.79 -34.30
CA VAL E 333 -24.86 0.71 -32.84
C VAL E 333 -25.50 1.95 -32.21
N ALA E 334 -26.27 1.73 -31.15
CA ALA E 334 -27.01 2.83 -30.51
C ALA E 334 -26.12 3.86 -29.80
N HIS E 335 -26.58 5.10 -29.82
CA HIS E 335 -25.88 6.20 -29.12
C HIS E 335 -26.63 6.68 -27.88
N THR E 336 -27.97 6.57 -27.88
CA THR E 336 -28.77 7.19 -26.79
C THR E 336 -29.73 6.19 -26.17
N LYS E 337 -29.16 5.07 -25.71
CA LYS E 337 -29.88 4.11 -24.89
C LYS E 337 -29.22 3.98 -23.51
N GLY E 338 -28.43 4.99 -23.15
CA GLY E 338 -27.66 4.93 -21.92
C GLY E 338 -26.33 4.25 -22.16
N THR E 339 -25.64 3.92 -21.08
CA THR E 339 -24.31 3.38 -21.25
C THR E 339 -24.45 1.85 -21.36
N ARG E 340 -24.76 1.43 -22.58
CA ARG E 340 -25.02 0.04 -22.95
C ARG E 340 -24.61 -0.12 -24.40
N VAL E 341 -24.47 -1.36 -24.85
CA VAL E 341 -24.12 -1.60 -26.26
C VAL E 341 -25.30 -2.31 -26.92
N VAL E 342 -25.98 -1.60 -27.81
CA VAL E 342 -27.14 -2.15 -28.52
C VAL E 342 -26.83 -2.10 -30.01
N ALA E 343 -26.82 -3.27 -30.67
CA ALA E 343 -26.34 -3.36 -32.06
C ALA E 343 -27.30 -4.20 -32.90
N ALA E 344 -27.36 -3.86 -34.19
CA ALA E 344 -28.10 -4.67 -35.16
C ALA E 344 -27.46 -4.50 -36.54
N TRP E 345 -27.63 -5.52 -37.38
CA TRP E 345 -27.21 -5.43 -38.77
C TRP E 345 -28.38 -4.86 -39.56
N ASP E 346 -28.17 -3.74 -40.23
CA ASP E 346 -29.22 -3.21 -41.09
C ASP E 346 -29.10 -3.89 -42.45
N GLU E 347 -29.85 -4.98 -42.61
CA GLU E 347 -29.78 -5.80 -43.81
C GLU E 347 -30.33 -5.08 -45.03
N ARG E 348 -31.32 -4.21 -44.81
CA ARG E 348 -32.06 -3.58 -45.90
C ARG E 348 -31.35 -2.35 -46.43
N ALA E 349 -30.60 -1.69 -45.54
CA ALA E 349 -29.88 -0.43 -45.81
C ALA E 349 -30.87 0.73 -45.97
N TYR E 350 -31.37 1.20 -44.82
CA TYR E 350 -32.34 2.29 -44.76
C TYR E 350 -31.72 3.63 -44.43
N PRO E 351 -32.49 4.72 -44.64
CA PRO E 351 -32.06 6.01 -44.11
C PRO E 351 -32.24 6.03 -42.59
N TRP E 352 -31.20 6.51 -41.90
CA TRP E 352 -31.23 6.72 -40.44
C TRP E 352 -30.99 8.18 -40.09
N ARG E 353 -31.72 8.65 -39.08
CA ARG E 353 -31.57 9.99 -38.51
C ARG E 353 -30.68 9.97 -37.28
N GLU E 354 -30.36 8.78 -36.78
CA GLU E 354 -29.61 8.64 -35.54
C GLU E 354 -28.67 7.44 -35.61
N GLU E 355 -27.80 7.35 -34.60
CA GLU E 355 -26.97 6.18 -34.29
C GLU E 355 -25.63 6.15 -35.03
N PHE E 356 -24.75 5.27 -34.57
CA PHE E 356 -23.46 5.03 -35.21
C PHE E 356 -23.60 4.02 -36.34
N HIS E 357 -22.84 4.26 -37.40
CA HIS E 357 -22.91 3.42 -38.60
C HIS E 357 -21.49 2.98 -38.89
N LEU E 358 -21.28 1.67 -38.80
CA LEU E 358 -19.93 1.09 -38.81
C LEU E 358 -19.68 0.41 -40.14
N LEU E 359 -18.60 0.83 -40.80
CA LEU E 359 -18.25 0.35 -42.14
C LEU E 359 -16.90 -0.37 -42.05
N PRO E 360 -16.83 -1.66 -42.43
CA PRO E 360 -15.57 -2.40 -42.30
C PRO E 360 -14.45 -1.74 -43.08
N LYS E 361 -13.28 -1.67 -42.46
CA LYS E 361 -12.06 -1.17 -43.11
C LYS E 361 -11.54 -2.22 -44.10
N GLU E 362 -10.60 -1.80 -44.96
CA GLU E 362 -9.97 -2.70 -45.93
C GLU E 362 -9.35 -3.95 -45.30
N GLY E 363 -9.69 -5.11 -45.86
CA GLY E 363 -9.15 -6.39 -45.42
C GLY E 363 -9.85 -7.02 -44.22
N VAL E 364 -10.85 -6.32 -43.68
CA VAL E 364 -11.56 -6.82 -42.52
C VAL E 364 -12.60 -7.86 -42.97
N ARG E 365 -12.51 -9.05 -42.37
CA ARG E 365 -13.51 -10.09 -42.55
C ARG E 365 -14.38 -10.11 -41.30
N LEU E 366 -15.69 -10.19 -41.47
CA LEU E 366 -16.57 -10.31 -40.32
C LEU E 366 -17.66 -11.38 -40.45
N ASP E 367 -18.15 -11.80 -39.30
CA ASP E 367 -19.31 -12.65 -39.16
C ASP E 367 -20.36 -11.73 -38.54
N PRO E 368 -21.17 -11.04 -39.37
CA PRO E 368 -22.13 -10.07 -38.83
C PRO E 368 -22.97 -10.63 -37.69
N SER E 369 -23.57 -11.79 -37.90
CA SER E 369 -24.46 -12.42 -36.93
C SER E 369 -23.79 -12.61 -35.57
N SER E 370 -22.58 -13.18 -35.59
CA SER E 370 -21.85 -13.48 -34.36
C SER E 370 -21.34 -12.21 -33.67
N LEU E 371 -20.86 -11.27 -34.48
CA LEU E 371 -20.42 -9.97 -33.97
C LEU E 371 -21.56 -9.21 -33.25
N VAL E 372 -22.74 -9.19 -33.87
CA VAL E 372 -23.92 -8.55 -33.29
C VAL E 372 -24.29 -9.24 -31.97
N GLN E 373 -24.27 -10.56 -31.97
CA GLN E 373 -24.50 -11.31 -30.73
C GLN E 373 -23.51 -10.91 -29.62
N TRP E 374 -22.23 -10.80 -29.97
CA TRP E 374 -21.19 -10.43 -29.02
C TRP E 374 -21.44 -9.02 -28.46
N LEU E 375 -21.74 -8.10 -29.36
CA LEU E 375 -21.94 -6.70 -28.95
C LEU E 375 -23.12 -6.54 -27.99
N ASN E 376 -24.16 -7.35 -28.20
CA ASN E 376 -25.36 -7.33 -27.39
C ASN E 376 -25.27 -8.20 -26.13
N SER E 377 -24.13 -8.87 -25.96
CA SER E 377 -24.00 -9.88 -24.91
C SER E 377 -23.96 -9.26 -23.54
N GLU E 378 -24.31 -10.05 -22.53
CA GLU E 378 -24.29 -9.57 -21.15
C GLU E 378 -22.90 -9.15 -20.72
N ALA E 379 -21.88 -9.90 -21.13
CA ALA E 379 -20.49 -9.57 -20.84
C ALA E 379 -20.15 -8.16 -21.33
N MET E 380 -20.63 -7.82 -22.53
CA MET E 380 -20.36 -6.49 -23.08
C MET E 380 -21.09 -5.39 -22.32
N GLN E 381 -22.32 -5.66 -21.89
CA GLN E 381 -23.07 -4.64 -21.12
C GLN E 381 -22.38 -4.39 -19.80
N LYS E 382 -21.94 -5.47 -19.13
CA LYS E 382 -21.23 -5.32 -17.86
C LYS E 382 -19.94 -4.52 -18.05
N HIS E 383 -19.23 -4.78 -19.14
CA HIS E 383 -17.96 -4.15 -19.43
C HIS E 383 -18.11 -2.63 -19.48
N VAL E 384 -19.06 -2.13 -20.28
CA VAL E 384 -19.21 -0.68 -20.41
C VAL E 384 -19.80 -0.03 -19.16
N ARG E 385 -20.69 -0.75 -18.46
CA ARG E 385 -21.23 -0.27 -17.18
C ARG E 385 -20.14 -0.13 -16.14
N THR E 386 -19.22 -1.09 -16.08
CA THR E 386 -18.09 -0.99 -15.16
C THR E 386 -17.25 0.23 -15.48
N LEU E 387 -16.87 0.37 -16.75
CA LEU E 387 -15.92 1.41 -17.12
C LEU E 387 -16.47 2.82 -17.02
N TYR E 388 -17.72 3.01 -17.44
CA TYR E 388 -18.26 4.36 -17.68
C TYR E 388 -19.47 4.69 -16.83
N ARG E 389 -19.89 3.71 -16.02
CA ARG E 389 -21.03 3.87 -15.10
C ARG E 389 -22.17 4.63 -15.80
N ASP E 390 -22.58 5.75 -15.22
CA ASP E 390 -23.70 6.56 -15.71
C ASP E 390 -23.27 8.02 -15.95
N PHE E 391 -21.98 8.21 -16.29
CA PHE E 391 -21.45 9.55 -16.50
C PHE E 391 -22.28 10.33 -17.50
N VAL E 392 -22.64 9.67 -18.61
CA VAL E 392 -23.43 10.30 -19.67
C VAL E 392 -24.50 9.30 -20.12
N PRO E 393 -25.63 9.79 -20.64
CA PRO E 393 -26.74 8.94 -21.09
C PRO E 393 -26.50 8.34 -22.49
N HIS E 394 -25.27 7.90 -22.74
CA HIS E 394 -24.86 7.49 -24.08
C HIS E 394 -23.79 6.41 -24.08
N LEU E 395 -23.70 5.70 -25.20
CA LEU E 395 -22.45 5.07 -25.58
C LEU E 395 -21.82 6.08 -26.56
N THR E 396 -20.66 6.63 -26.23
CA THR E 396 -20.04 7.62 -27.12
C THR E 396 -19.04 6.92 -28.05
N LEU E 397 -18.56 7.65 -29.05
CA LEU E 397 -17.60 7.08 -29.99
C LEU E 397 -16.34 6.60 -29.27
N ARG E 398 -15.86 7.40 -28.32
CA ARG E 398 -14.64 7.02 -27.61
C ARG E 398 -14.79 5.73 -26.81
N MET E 399 -16.01 5.42 -26.36
CA MET E 399 -16.30 4.13 -25.71
C MET E 399 -16.35 3.02 -26.75
N LEU E 400 -17.12 3.28 -27.82
CA LEU E 400 -17.42 2.29 -28.86
C LEU E 400 -16.15 1.80 -29.56
N GLU E 401 -15.26 2.73 -29.90
CA GLU E 401 -14.07 2.34 -30.68
C GLU E 401 -13.13 1.42 -29.89
N ARG E 402 -13.25 1.45 -28.56
CA ARG E 402 -12.40 0.59 -27.71
C ARG E 402 -13.00 -0.78 -27.37
N LEU E 403 -14.22 -1.06 -27.83
CA LEU E 403 -14.83 -2.34 -27.47
C LEU E 403 -14.00 -3.46 -28.08
N PRO E 404 -13.66 -4.48 -27.28
CA PRO E 404 -12.79 -5.52 -27.82
C PRO E 404 -13.54 -6.53 -28.69
N VAL E 405 -12.93 -6.89 -29.83
CA VAL E 405 -13.49 -7.86 -30.77
C VAL E 405 -12.41 -8.90 -31.08
N ARG E 406 -12.64 -10.14 -30.65
CA ARG E 406 -11.67 -11.19 -30.97
C ARG E 406 -11.80 -11.63 -32.43
N ARG E 407 -10.72 -12.22 -32.95
CA ARG E 407 -10.56 -12.44 -34.39
C ARG E 407 -11.61 -13.37 -35.01
N GLU E 408 -12.37 -14.05 -34.16
CA GLU E 408 -13.46 -14.94 -34.59
C GLU E 408 -14.73 -14.21 -35.07
N TYR E 409 -14.95 -12.99 -34.56
CA TYR E 409 -16.08 -12.16 -34.98
C TYR E 409 -15.66 -11.24 -36.10
N GLY E 410 -14.42 -10.76 -36.02
CA GLY E 410 -13.91 -9.79 -36.95
C GLY E 410 -12.40 -9.83 -36.91
N PHE E 411 -11.81 -9.93 -38.09
CA PHE E 411 -10.37 -10.12 -38.18
C PHE E 411 -9.83 -9.29 -39.32
N HIS E 412 -8.74 -8.58 -39.04
CA HIS E 412 -8.08 -7.72 -40.01
C HIS E 412 -7.04 -8.52 -40.80
N THR E 413 -7.06 -8.39 -42.12
CA THR E 413 -6.07 -9.01 -43.01
C THR E 413 -4.65 -8.53 -42.66
N VAL F 21 33.23 -27.00 10.32
CA VAL F 21 33.19 -25.88 11.29
C VAL F 21 34.28 -26.05 12.34
N GLU F 22 35.24 -25.12 12.36
CA GLU F 22 36.31 -25.13 13.37
C GLU F 22 36.28 -23.86 14.23
N THR F 23 37.01 -23.88 15.34
CA THR F 23 37.11 -22.74 16.24
C THR F 23 38.51 -22.11 16.07
N PRO F 24 38.57 -20.78 15.91
CA PRO F 24 39.88 -20.14 15.78
C PRO F 24 40.75 -20.38 17.02
N PRO F 25 42.06 -20.63 16.82
CA PRO F 25 42.97 -20.96 17.91
C PRO F 25 42.94 -19.91 19.04
N GLU F 26 42.77 -18.65 18.64
CA GLU F 26 42.68 -17.56 19.61
C GLU F 26 41.50 -17.73 20.57
N VAL F 27 40.37 -18.21 20.04
CA VAL F 27 39.18 -18.43 20.87
C VAL F 27 39.38 -19.66 21.76
N VAL F 28 39.93 -20.72 21.17
CA VAL F 28 40.26 -21.93 21.96
C VAL F 28 41.19 -21.56 23.14
N ASP F 29 42.26 -20.80 22.87
CA ASP F 29 43.21 -20.35 23.91
C ASP F 29 42.50 -19.63 25.05
N PHE F 30 41.63 -18.68 24.67
CA PHE F 30 40.91 -17.91 25.66
C PHE F 30 40.01 -18.81 26.50
N MET F 31 39.27 -19.70 25.84
CA MET F 31 38.37 -20.61 26.56
C MET F 31 39.14 -21.54 27.51
N VAL F 32 40.28 -22.04 27.05
CA VAL F 32 41.10 -22.92 27.90
C VAL F 32 41.63 -22.16 29.12
N SER F 33 41.93 -20.87 28.92
CA SER F 33 42.39 -20.03 30.03
C SER F 33 41.31 -19.86 31.12
N LEU F 34 40.05 -20.02 30.73
CA LEU F 34 38.94 -19.88 31.67
C LEU F 34 38.57 -21.22 32.31
N ALA F 35 39.04 -22.30 31.70
CA ALA F 35 38.65 -23.64 32.09
C ALA F 35 39.54 -24.15 33.22
N GLU F 36 38.94 -24.98 34.08
CA GLU F 36 39.66 -25.61 35.17
C GLU F 36 38.93 -26.88 35.57
N ALA F 37 39.68 -27.82 36.14
CA ALA F 37 39.14 -29.04 36.67
C ALA F 37 40.05 -29.50 37.80
N PRO F 38 39.47 -30.21 38.80
CA PRO F 38 40.30 -30.81 39.86
C PRO F 38 41.22 -31.87 39.28
N ARG F 39 42.32 -32.16 39.96
CA ARG F 39 43.24 -33.20 39.53
C ARG F 39 42.48 -34.51 39.49
N GLY F 40 42.67 -35.25 38.41
CA GLY F 40 41.93 -36.49 38.17
C GLY F 40 40.52 -36.24 37.66
N GLY F 41 40.18 -34.97 37.47
CA GLY F 41 38.83 -34.59 37.03
C GLY F 41 38.45 -35.12 35.67
N ARG F 42 37.15 -35.28 35.46
CA ARG F 42 36.61 -35.78 34.20
C ARG F 42 36.33 -34.60 33.29
N VAL F 43 36.96 -34.62 32.12
CA VAL F 43 36.91 -33.51 31.16
C VAL F 43 36.29 -33.97 29.84
N LEU F 44 35.24 -33.26 29.40
CA LEU F 44 34.45 -33.68 28.25
C LEU F 44 34.40 -32.60 27.19
N GLU F 45 34.65 -32.99 25.93
CA GLU F 45 34.37 -32.11 24.79
C GLU F 45 33.18 -32.66 23.99
N PRO F 46 32.02 -31.99 24.08
CA PRO F 46 30.89 -32.40 23.25
C PRO F 46 31.09 -31.99 21.80
N ALA F 47 30.50 -32.74 20.86
CA ALA F 47 30.60 -32.44 19.43
C ALA F 47 32.07 -32.29 18.97
N CYS F 48 32.88 -33.27 19.37
CA CYS F 48 34.34 -33.05 19.43
C CYS F 48 35.14 -33.15 18.12
N ALA F 49 34.63 -33.88 17.12
CA ALA F 49 35.42 -34.21 15.92
C ALA F 49 36.80 -34.74 16.36
N HIS F 50 37.88 -34.03 16.00
CA HIS F 50 39.25 -34.46 16.38
C HIS F 50 39.71 -34.04 17.79
N GLY F 51 38.86 -33.30 18.49
CA GLY F 51 39.08 -32.96 19.90
C GLY F 51 40.04 -31.81 20.13
N PRO F 52 39.85 -30.68 19.42
CA PRO F 52 40.79 -29.59 19.61
C PRO F 52 40.77 -29.01 21.01
N PHE F 53 39.62 -29.04 21.69
CA PHE F 53 39.58 -28.53 23.05
C PHE F 53 40.26 -29.45 24.06
N LEU F 54 40.07 -30.76 23.90
CA LEU F 54 40.77 -31.74 24.73
C LEU F 54 42.28 -31.58 24.59
N ARG F 55 42.73 -31.45 23.35
CA ARG F 55 44.14 -31.31 23.05
C ARG F 55 44.70 -30.05 23.68
N ALA F 56 44.00 -28.92 23.51
CA ALA F 56 44.48 -27.63 24.03
C ALA F 56 44.48 -27.64 25.55
N PHE F 57 43.44 -28.23 26.14
CA PHE F 57 43.37 -28.30 27.59
C PHE F 57 44.54 -29.11 28.17
N ARG F 58 44.81 -30.25 27.57
CA ARG F 58 45.87 -31.12 28.07
C ARG F 58 47.22 -30.42 27.92
N GLU F 59 47.42 -29.75 26.79
CA GLU F 59 48.66 -29.03 26.58
C GLU F 59 48.89 -27.97 27.65
N ALA F 60 47.82 -27.25 28.00
CA ALA F 60 47.94 -26.12 28.91
C ALA F 60 47.95 -26.53 30.38
N HIS F 61 47.24 -27.61 30.71
CA HIS F 61 46.93 -27.96 32.10
C HIS F 61 47.50 -29.30 32.55
N GLY F 62 47.99 -30.08 31.60
CA GLY F 62 48.64 -31.36 31.92
C GLY F 62 47.78 -32.60 31.69
N THR F 63 48.30 -33.73 32.15
CA THR F 63 47.78 -35.05 31.79
C THR F 63 46.94 -35.73 32.89
N ALA F 64 46.90 -35.11 34.07
CA ALA F 64 46.22 -35.69 35.23
C ALA F 64 44.71 -35.40 35.22
N TYR F 65 44.04 -35.90 34.18
CA TYR F 65 42.58 -35.81 34.02
C TYR F 65 42.13 -36.98 33.16
N ARG F 66 40.83 -37.29 33.24
CA ARG F 66 40.21 -38.21 32.29
C ARG F 66 39.59 -37.39 31.14
N PHE F 67 40.03 -37.65 29.93
CA PHE F 67 39.57 -36.90 28.75
C PHE F 67 38.58 -37.73 27.94
N VAL F 68 37.42 -37.13 27.65
CA VAL F 68 36.37 -37.80 26.92
C VAL F 68 35.84 -36.86 25.84
N GLY F 69 35.57 -37.41 24.65
CA GLY F 69 34.90 -36.67 23.56
C GLY F 69 33.68 -37.41 23.05
N VAL F 70 32.59 -36.68 22.77
CA VAL F 70 31.40 -37.27 22.15
C VAL F 70 31.15 -36.64 20.78
N GLU F 71 30.97 -37.49 19.79
CA GLU F 71 30.81 -37.09 18.39
C GLU F 71 29.81 -38.01 17.71
N ILE F 72 28.90 -37.43 16.94
CA ILE F 72 27.86 -38.22 16.27
C ILE F 72 28.28 -38.85 14.94
N ASP F 73 29.26 -38.25 14.28
CA ASP F 73 29.64 -38.67 12.94
C ASP F 73 30.92 -39.50 13.02
N PRO F 74 30.86 -40.78 12.61
CA PRO F 74 32.04 -41.64 12.68
C PRO F 74 33.20 -41.14 11.82
N LYS F 75 32.88 -40.44 10.73
CA LYS F 75 33.90 -39.81 9.88
C LYS F 75 34.69 -38.71 10.60
N ALA F 76 34.05 -38.03 11.55
CA ALA F 76 34.65 -36.87 12.22
C ALA F 76 35.39 -37.21 13.52
N LEU F 77 34.97 -38.26 14.20
CA LEU F 77 35.57 -38.64 15.49
C LEU F 77 36.99 -39.15 15.29
N ASP F 78 37.97 -38.44 15.83
CA ASP F 78 39.36 -38.84 15.64
C ASP F 78 40.21 -38.27 16.75
N LEU F 79 40.09 -38.87 17.93
CA LEU F 79 40.75 -38.34 19.11
C LEU F 79 42.14 -38.93 19.32
N PRO F 80 42.96 -38.25 20.14
CA PRO F 80 44.23 -38.85 20.53
C PRO F 80 43.97 -40.13 21.33
N PRO F 81 44.93 -41.07 21.32
CA PRO F 81 44.81 -42.33 22.05
C PRO F 81 44.61 -42.19 23.58
N TRP F 82 44.91 -41.04 24.15
CA TRP F 82 44.76 -40.81 25.59
C TRP F 82 43.36 -40.35 25.98
N ALA F 83 42.49 -40.20 24.97
CA ALA F 83 41.09 -39.80 25.24
C ALA F 83 40.12 -40.91 24.90
N GLU F 84 39.01 -40.94 25.64
CA GLU F 84 37.94 -41.86 25.29
C GLU F 84 36.99 -41.20 24.30
N GLY F 85 36.87 -41.81 23.12
CA GLY F 85 35.97 -41.31 22.09
C GLY F 85 34.67 -42.08 22.05
N ILE F 86 33.56 -41.35 22.15
CA ILE F 86 32.23 -41.95 22.19
C ILE F 86 31.46 -41.53 20.96
N LEU F 87 30.92 -42.51 20.24
CA LEU F 87 30.17 -42.25 19.02
C LEU F 87 28.69 -42.23 19.39
N ALA F 88 28.12 -41.03 19.51
CA ALA F 88 26.73 -40.86 19.96
C ALA F 88 26.22 -39.47 19.66
N ASP F 89 24.90 -39.34 19.67
CA ASP F 89 24.27 -38.04 19.73
C ASP F 89 24.37 -37.54 21.15
N PHE F 90 25.17 -36.49 21.36
CA PHE F 90 25.39 -35.90 22.67
C PHE F 90 24.10 -35.59 23.40
N LEU F 91 23.12 -35.12 22.63
CA LEU F 91 21.89 -34.64 23.22
C LEU F 91 21.05 -35.76 23.85
N LEU F 92 21.30 -37.00 23.43
CA LEU F 92 20.54 -38.14 23.94
C LEU F 92 21.43 -39.10 24.73
N TRP F 93 22.70 -38.72 24.90
CA TRP F 93 23.69 -39.55 25.56
C TRP F 93 23.52 -39.57 27.07
N GLU F 94 23.63 -40.76 27.65
CA GLU F 94 23.42 -40.95 29.08
C GLU F 94 24.61 -41.64 29.73
N PRO F 95 25.65 -40.88 30.12
CA PRO F 95 26.76 -41.56 30.79
C PRO F 95 26.35 -41.89 32.23
N GLY F 96 27.09 -42.78 32.87
CA GLY F 96 26.78 -43.17 34.23
C GLY F 96 27.23 -42.17 35.28
N GLU F 97 28.24 -41.37 34.95
CA GLU F 97 28.83 -40.43 35.90
C GLU F 97 28.95 -39.05 35.27
N ALA F 98 28.69 -38.02 36.07
CA ALA F 98 28.77 -36.63 35.61
C ALA F 98 30.22 -36.19 35.41
N PHE F 99 30.38 -34.95 34.95
CA PHE F 99 31.69 -34.41 34.58
C PHE F 99 32.11 -33.20 35.40
N ASP F 100 33.42 -33.02 35.56
CA ASP F 100 33.95 -31.86 36.28
C ASP F 100 34.08 -30.65 35.37
N LEU F 101 34.40 -30.88 34.11
CA LEU F 101 34.58 -29.83 33.12
C LEU F 101 34.02 -30.26 31.77
N ILE F 102 33.21 -29.41 31.17
CA ILE F 102 32.70 -29.66 29.82
C ILE F 102 33.06 -28.42 29.03
N LEU F 103 33.75 -28.62 27.92
CA LEU F 103 34.16 -27.45 27.14
C LEU F 103 34.12 -27.72 25.66
N GLY F 104 33.82 -26.67 24.90
CA GLY F 104 33.84 -26.83 23.46
C GLY F 104 32.96 -25.84 22.75
N ASN F 105 32.66 -26.18 21.50
CA ASN F 105 31.91 -25.32 20.61
C ASN F 105 30.82 -26.17 19.99
N PRO F 106 29.58 -26.05 20.50
CA PRO F 106 28.51 -26.92 20.04
C PRO F 106 28.02 -26.47 18.67
N PRO F 107 27.32 -27.36 17.93
CA PRO F 107 26.75 -26.94 16.65
C PRO F 107 25.67 -25.88 16.88
N TYR F 108 25.60 -24.88 15.99
CA TYR F 108 24.53 -23.87 16.03
C TYR F 108 23.54 -24.12 14.91
N GLY F 109 22.25 -23.92 15.18
CA GLY F 109 21.26 -23.99 14.12
C GLY F 109 19.89 -24.39 14.60
N ILE F 110 18.89 -23.88 13.90
CA ILE F 110 17.49 -24.26 14.13
C ILE F 110 17.18 -25.58 13.44
N VAL F 111 16.53 -26.48 14.16
CA VAL F 111 16.05 -27.74 13.60
C VAL F 111 14.74 -27.48 12.85
N GLY F 112 14.73 -27.73 11.54
CA GLY F 112 13.51 -27.52 10.78
C GLY F 112 13.69 -27.89 9.33
N GLU F 113 12.61 -27.71 8.57
CA GLU F 113 12.56 -28.06 7.14
C GLU F 113 13.69 -27.39 6.36
N ALA F 114 14.34 -28.18 5.50
CA ALA F 114 15.56 -27.75 4.82
C ALA F 114 15.41 -26.54 3.91
N SER F 115 14.20 -26.27 3.43
CA SER F 115 13.96 -25.10 2.59
C SER F 115 14.24 -23.79 3.35
N LYS F 116 14.21 -23.86 4.68
CA LYS F 116 14.29 -22.64 5.50
C LYS F 116 15.30 -22.73 6.65
N TYR F 117 15.58 -23.94 7.12
CA TYR F 117 16.41 -24.14 8.32
C TYR F 117 17.55 -25.14 8.07
N PRO F 118 18.67 -24.99 8.80
CA PRO F 118 19.88 -25.77 8.50
C PRO F 118 20.02 -27.14 9.13
N ILE F 119 19.28 -27.45 10.20
CA ILE F 119 19.45 -28.74 10.89
C ILE F 119 18.29 -29.67 10.58
N HIS F 120 18.64 -30.84 10.02
CA HIS F 120 17.64 -31.73 9.42
C HIS F 120 17.66 -33.09 10.07
N VAL F 121 16.59 -33.39 10.79
CA VAL F 121 16.41 -34.69 11.44
C VAL F 121 14.96 -35.11 11.27
N PHE F 122 14.69 -36.42 11.41
CA PHE F 122 13.32 -36.90 11.46
C PHE F 122 12.56 -36.20 12.58
N LYS F 123 11.28 -35.95 12.35
CA LYS F 123 10.41 -35.38 13.38
C LYS F 123 10.53 -36.14 14.71
N ALA F 124 10.66 -37.47 14.64
CA ALA F 124 10.77 -38.27 15.85
C ALA F 124 11.98 -37.93 16.70
N VAL F 125 13.08 -37.54 16.04
CA VAL F 125 14.28 -37.10 16.74
C VAL F 125 14.03 -35.73 17.38
N LYS F 126 13.42 -34.82 16.64
CA LYS F 126 13.09 -33.51 17.23
C LYS F 126 12.19 -33.67 18.46
N ASP F 127 11.22 -34.59 18.36
CA ASP F 127 10.34 -34.92 19.49
C ASP F 127 11.13 -35.40 20.71
N LEU F 128 12.15 -36.22 20.47
CA LEU F 128 13.01 -36.70 21.56
C LEU F 128 13.73 -35.54 22.23
N TYR F 129 14.21 -34.60 21.43
CA TYR F 129 14.86 -33.41 21.97
C TYR F 129 13.92 -32.58 22.81
N LYS F 130 12.70 -32.36 22.30
CA LYS F 130 11.75 -31.56 23.05
C LYS F 130 11.43 -32.19 24.41
N LYS F 131 11.29 -33.51 24.42
CA LYS F 131 11.04 -34.26 25.65
C LYS F 131 12.20 -34.18 26.63
N ALA F 132 13.42 -34.15 26.10
CA ALA F 132 14.62 -34.19 26.92
C ALA F 132 14.96 -32.82 27.52
N PHE F 133 14.51 -31.76 26.87
CA PHE F 133 15.02 -30.42 27.24
C PHE F 133 13.96 -29.47 27.75
N SER F 134 14.03 -29.17 29.05
CA SER F 134 13.04 -28.30 29.69
C SER F 134 13.14 -26.85 29.19
N THR F 135 14.28 -26.49 28.59
CA THR F 135 14.49 -25.13 28.12
C THR F 135 14.03 -24.92 26.67
N TRP F 136 13.63 -26.00 26.00
CA TRP F 136 13.25 -25.91 24.59
C TRP F 136 12.02 -25.02 24.45
N LYS F 137 12.13 -23.99 23.62
CA LYS F 137 11.06 -23.01 23.47
C LYS F 137 11.09 -22.46 22.06
N GLY F 138 9.90 -22.21 21.47
CA GLY F 138 9.84 -21.68 20.11
C GLY F 138 10.47 -22.63 19.11
N LYS F 139 11.13 -22.06 18.10
CA LYS F 139 11.91 -22.86 17.17
C LYS F 139 13.17 -23.41 17.85
N TYR F 140 13.68 -22.65 18.81
CA TYR F 140 14.87 -22.99 19.63
C TYR F 140 16.12 -23.22 18.76
N ASN F 141 17.11 -23.92 19.27
CA ASN F 141 18.39 -24.00 18.60
C ASN F 141 19.19 -25.15 19.20
N LEU F 142 19.94 -25.87 18.36
CA LEU F 142 20.85 -26.90 18.87
C LEU F 142 21.76 -26.35 19.98
N TYR F 143 22.20 -25.09 19.84
CA TYR F 143 23.14 -24.60 20.84
C TYR F 143 22.55 -24.46 22.24
N GLY F 144 21.25 -24.14 22.29
CA GLY F 144 20.55 -24.07 23.58
C GLY F 144 20.41 -25.46 24.19
N ALA F 145 20.13 -26.44 23.35
CA ALA F 145 19.98 -27.82 23.80
C ALA F 145 21.34 -28.34 24.31
N PHE F 146 22.41 -28.06 23.57
CA PHE F 146 23.77 -28.43 24.04
C PHE F 146 24.11 -27.81 25.41
N LEU F 147 23.73 -26.56 25.61
CA LEU F 147 23.96 -25.90 26.89
C LEU F 147 23.19 -26.58 28.00
N GLU F 148 21.90 -26.85 27.77
CA GLU F 148 21.10 -27.50 28.81
C GLU F 148 21.66 -28.90 29.14
N LYS F 149 21.97 -29.68 28.10
CA LYS F 149 22.49 -31.03 28.29
C LYS F 149 23.79 -31.00 29.08
N ALA F 150 24.68 -30.08 28.71
CA ALA F 150 25.96 -29.91 29.43
C ALA F 150 25.75 -29.58 30.91
N VAL F 151 24.85 -28.63 31.21
CA VAL F 151 24.55 -28.32 32.63
C VAL F 151 24.08 -29.58 33.37
N ARG F 152 23.19 -30.34 32.73
CA ARG F 152 22.67 -31.57 33.33
C ARG F 152 23.75 -32.65 33.57
N LEU F 153 24.81 -32.60 32.77
CA LEU F 153 25.90 -33.57 32.88
C LEU F 153 27.03 -33.11 33.79
N LEU F 154 26.91 -31.93 34.41
CA LEU F 154 27.94 -31.46 35.35
C LEU F 154 27.71 -32.00 36.75
N LYS F 155 28.81 -32.37 37.40
CA LYS F 155 28.82 -32.58 38.86
C LYS F 155 28.50 -31.27 39.55
N PRO F 156 27.98 -31.34 40.79
CA PRO F 156 27.93 -30.16 41.63
C PRO F 156 29.30 -29.49 41.68
N GLY F 157 29.34 -28.17 41.44
CA GLY F 157 30.61 -27.44 41.40
C GLY F 157 31.37 -27.55 40.08
N GLY F 158 30.84 -28.37 39.15
CA GLY F 158 31.45 -28.55 37.85
C GLY F 158 31.35 -27.29 37.00
N VAL F 159 32.15 -27.23 35.95
CA VAL F 159 32.27 -26.04 35.11
C VAL F 159 32.07 -26.37 33.64
N LEU F 160 31.35 -25.50 32.93
CA LEU F 160 31.16 -25.58 31.48
C LEU F 160 31.76 -24.32 30.88
N VAL F 161 32.50 -24.47 29.79
CA VAL F 161 32.99 -23.35 28.99
C VAL F 161 32.65 -23.61 27.52
N PHE F 162 31.66 -22.87 27.01
CA PHE F 162 31.24 -22.98 25.60
C PHE F 162 31.39 -21.65 24.89
N VAL F 163 31.62 -21.71 23.59
CA VAL F 163 31.42 -20.54 22.73
C VAL F 163 30.13 -20.76 21.91
N VAL F 164 29.26 -19.76 21.96
CA VAL F 164 27.94 -19.85 21.33
C VAL F 164 27.52 -18.48 20.80
N PRO F 165 26.46 -18.44 19.96
CA PRO F 165 25.93 -17.12 19.61
C PRO F 165 25.52 -16.30 20.83
N ALA F 166 25.50 -14.98 20.64
CA ALA F 166 25.10 -14.05 21.67
C ALA F 166 23.57 -13.95 21.80
N THR F 167 22.84 -14.66 20.94
CA THR F 167 21.42 -14.36 20.78
C THR F 167 20.60 -14.68 22.02
N TRP F 168 21.05 -15.68 22.78
CA TRP F 168 20.35 -16.10 24.00
C TRP F 168 20.36 -15.02 25.09
N LEU F 169 21.26 -14.05 24.97
CA LEU F 169 21.29 -12.94 25.94
C LEU F 169 19.97 -12.18 25.96
N VAL F 170 19.34 -12.08 24.79
CA VAL F 170 18.20 -11.16 24.62
C VAL F 170 16.92 -11.81 24.11
N LEU F 171 17.03 -12.93 23.40
CA LEU F 171 15.83 -13.46 22.69
C LEU F 171 14.88 -14.28 23.54
N GLU F 172 13.59 -14.16 23.21
CA GLU F 172 12.55 -14.88 23.93
C GLU F 172 12.66 -16.40 23.82
N ASP F 173 13.12 -16.91 22.68
CA ASP F 173 13.31 -18.36 22.56
C ASP F 173 14.20 -18.93 23.65
N PHE F 174 15.06 -18.07 24.22
CA PHE F 174 16.01 -18.52 25.22
C PHE F 174 15.67 -18.07 26.64
N ALA F 175 14.43 -17.63 26.86
CA ALA F 175 14.02 -17.16 28.18
C ALA F 175 14.10 -18.30 29.20
N LEU F 176 13.68 -19.50 28.80
CA LEU F 176 13.70 -20.63 29.75
C LEU F 176 15.15 -21.05 29.99
N LEU F 177 15.99 -20.96 28.97
CA LEU F 177 17.42 -21.26 29.13
C LEU F 177 18.09 -20.30 30.12
N ARG F 178 17.85 -19.00 29.97
CA ARG F 178 18.39 -18.03 30.92
C ARG F 178 17.93 -18.33 32.36
N GLU F 179 16.63 -18.60 32.51
CA GLU F 179 16.07 -18.87 33.83
C GLU F 179 16.65 -20.15 34.44
N PHE F 180 16.89 -21.14 33.58
CA PHE F 180 17.54 -22.39 33.97
C PHE F 180 18.97 -22.16 34.47
N LEU F 181 19.81 -21.52 33.66
CA LEU F 181 21.17 -21.16 34.09
C LEU F 181 21.16 -20.42 35.42
N ALA F 182 20.26 -19.46 35.53
CA ALA F 182 20.16 -18.61 36.73
C ALA F 182 19.90 -19.42 38.00
N ARG F 183 19.08 -20.48 37.90
CA ARG F 183 18.74 -21.25 39.09
C ARG F 183 19.67 -22.43 39.33
N GLU F 184 20.43 -22.82 38.31
CA GLU F 184 21.28 -24.02 38.41
C GLU F 184 22.71 -23.71 38.87
N GLY F 185 23.12 -22.45 38.78
CA GLY F 185 24.47 -22.09 39.21
C GLY F 185 24.82 -20.65 38.92
N LYS F 186 26.11 -20.39 38.71
CA LYS F 186 26.60 -19.03 38.45
C LYS F 186 27.12 -18.95 37.04
N THR F 187 26.86 -17.82 36.39
CA THR F 187 27.11 -17.66 34.98
C THR F 187 28.00 -16.46 34.73
N SER F 188 29.02 -16.67 33.90
CA SER F 188 29.84 -15.57 33.39
C SER F 188 29.75 -15.55 31.88
N VAL F 189 29.45 -14.38 31.32
CA VAL F 189 29.36 -14.20 29.88
C VAL F 189 30.45 -13.24 29.43
N TYR F 190 31.20 -13.64 28.40
CA TYR F 190 32.29 -12.86 27.84
C TYR F 190 31.95 -12.55 26.40
N TYR F 191 31.70 -11.29 26.08
CA TYR F 191 31.39 -10.90 24.71
C TYR F 191 32.63 -10.97 23.82
N LEU F 192 32.52 -11.69 22.70
CA LEU F 192 33.57 -11.75 21.69
C LEU F 192 33.18 -10.98 20.43
N GLY F 193 31.92 -11.14 20.02
CA GLY F 193 31.46 -10.57 18.75
C GLY F 193 31.74 -11.46 17.55
N GLU F 194 31.91 -10.85 16.39
CA GLU F 194 32.01 -11.62 15.15
C GLU F 194 33.43 -12.17 14.89
N VAL F 195 33.75 -13.25 15.61
CA VAL F 195 35.12 -13.80 15.65
C VAL F 195 35.36 -15.02 14.75
N PHE F 196 34.32 -15.51 14.06
CA PHE F 196 34.48 -16.64 13.15
C PHE F 196 34.53 -16.10 11.72
N PRO F 197 35.68 -16.26 11.04
CA PRO F 197 35.77 -15.76 9.66
C PRO F 197 34.72 -16.40 8.74
N GLN F 198 34.12 -15.57 7.88
CA GLN F 198 33.06 -16.00 6.95
C GLN F 198 31.88 -16.73 7.61
N LYS F 199 31.68 -16.50 8.89
CA LYS F 199 30.42 -16.92 9.54
C LYS F 199 29.76 -15.71 10.18
N LYS F 200 28.50 -15.47 9.79
CA LYS F 200 27.77 -14.31 10.23
C LYS F 200 27.11 -14.66 11.56
N VAL F 201 27.83 -14.45 12.64
CA VAL F 201 27.34 -14.70 14.00
C VAL F 201 28.19 -13.93 15.00
N SER F 202 27.52 -13.30 15.95
CA SER F 202 28.16 -12.61 17.04
C SER F 202 28.18 -13.54 18.22
N ALA F 203 29.37 -13.80 18.75
CA ALA F 203 29.54 -14.89 19.72
C ALA F 203 29.86 -14.41 21.13
N VAL F 204 29.54 -15.25 22.12
CA VAL F 204 30.00 -15.02 23.49
C VAL F 204 30.63 -16.33 23.97
N VAL F 205 31.44 -16.22 25.02
CA VAL F 205 31.84 -17.40 25.76
C VAL F 205 31.01 -17.40 27.04
N ILE F 206 30.46 -18.55 27.35
CA ILE F 206 29.81 -18.72 28.63
C ILE F 206 30.67 -19.62 29.50
N ARG F 207 30.99 -19.13 30.70
CA ARG F 207 31.58 -19.99 31.73
C ARG F 207 30.53 -20.13 32.81
N PHE F 208 30.02 -21.35 32.96
CA PHE F 208 29.01 -21.64 33.96
C PHE F 208 29.58 -22.60 34.99
N GLN F 209 29.32 -22.33 36.27
CA GLN F 209 29.66 -23.27 37.33
C GLN F 209 28.41 -23.72 38.08
N LYS F 210 28.32 -25.02 38.33
CA LYS F 210 27.12 -25.60 38.93
C LYS F 210 27.12 -25.47 40.44
N SER F 211 27.15 -24.22 40.88
CA SER F 211 27.13 -23.86 42.29
C SER F 211 27.00 -22.35 42.39
N GLY F 212 26.54 -21.87 43.54
CA GLY F 212 26.33 -20.44 43.73
C GLY F 212 25.24 -19.90 42.84
N LYS F 213 25.34 -18.61 42.54
CA LYS F 213 24.32 -17.92 41.77
C LYS F 213 24.85 -16.60 41.19
N GLY F 214 24.04 -16.00 40.32
CA GLY F 214 24.34 -14.70 39.76
C GLY F 214 24.93 -14.70 38.39
N LEU F 215 25.09 -13.50 37.84
CA LEU F 215 25.62 -13.30 36.51
C LEU F 215 26.76 -12.28 36.56
N SER F 216 27.86 -12.59 35.85
CA SER F 216 28.94 -11.63 35.61
C SER F 216 29.01 -11.41 34.12
N LEU F 217 29.00 -10.14 33.72
CA LEU F 217 29.11 -9.77 32.31
C LEU F 217 30.47 -9.13 32.02
N TRP F 218 31.17 -9.68 31.04
CA TRP F 218 32.51 -9.27 30.69
C TRP F 218 32.59 -8.86 29.22
N ASP F 219 33.33 -7.78 28.97
CA ASP F 219 33.78 -7.46 27.62
C ASP F 219 35.10 -8.18 27.40
N THR F 220 35.61 -8.10 26.18
CA THR F 220 36.94 -8.64 25.87
C THR F 220 37.66 -7.70 24.96
N GLN F 221 38.98 -7.81 24.96
CA GLN F 221 39.79 -7.22 23.91
C GLN F 221 40.83 -8.24 23.44
N GLU F 222 41.30 -8.11 22.20
CA GLU F 222 42.32 -9.03 21.69
C GLU F 222 43.62 -8.89 22.47
N SER F 223 44.31 -10.01 22.64
CA SER F 223 45.62 -10.01 23.27
C SER F 223 46.59 -10.73 22.35
N GLU F 224 47.82 -10.91 22.82
CA GLU F 224 48.84 -11.56 22.01
C GLU F 224 48.40 -12.97 21.57
N SER F 225 47.84 -13.73 22.51
CA SER F 225 47.52 -15.13 22.23
C SER F 225 46.02 -15.42 22.07
N GLY F 226 45.18 -14.48 22.48
CA GLY F 226 43.75 -14.68 22.41
C GLY F 226 42.96 -13.46 22.80
N PHE F 227 42.36 -13.54 23.98
CA PHE F 227 41.51 -12.46 24.48
C PHE F 227 41.75 -12.22 25.96
N THR F 228 41.60 -10.97 26.34
CA THR F 228 41.66 -10.52 27.72
C THR F 228 40.28 -10.08 28.14
N PRO F 229 39.74 -10.69 29.23
CA PRO F 229 38.44 -10.27 29.75
C PRO F 229 38.53 -8.96 30.53
N ILE F 230 37.49 -8.15 30.39
CA ILE F 230 37.34 -6.88 31.09
C ILE F 230 35.98 -6.88 31.77
N LEU F 231 35.94 -6.83 33.10
CA LEU F 231 34.65 -6.92 33.80
C LEU F 231 33.79 -5.68 33.49
N TRP F 232 32.54 -5.93 33.09
CA TRP F 232 31.59 -4.85 32.78
C TRP F 232 30.58 -4.64 33.89
N ALA F 233 29.95 -5.73 34.33
CA ALA F 233 28.86 -5.64 35.32
C ALA F 233 28.64 -6.95 36.04
N GLU F 234 28.09 -6.82 37.25
CA GLU F 234 27.70 -7.97 38.06
C GLU F 234 26.25 -7.87 38.48
N TYR F 235 25.54 -8.97 38.37
CA TYR F 235 24.14 -9.06 38.76
C TYR F 235 24.00 -10.25 39.71
N PRO F 236 24.27 -10.01 41.00
CA PRO F 236 24.29 -11.12 41.96
C PRO F 236 22.94 -11.83 42.16
N HIS F 237 21.84 -11.16 41.78
CA HIS F 237 20.50 -11.70 41.96
C HIS F 237 19.85 -12.07 40.64
N TRP F 238 20.66 -12.22 39.58
CA TRP F 238 20.12 -12.58 38.27
C TRP F 238 19.19 -13.78 38.36
N GLU F 239 17.99 -13.63 37.77
CA GLU F 239 16.99 -14.68 37.72
C GLU F 239 16.63 -15.07 36.28
N GLY F 240 17.47 -14.65 35.35
CA GLY F 240 17.27 -15.01 33.94
C GLY F 240 16.77 -13.88 33.07
N GLU F 241 16.81 -12.66 33.60
CA GLU F 241 16.43 -11.48 32.82
C GLU F 241 17.31 -11.34 31.59
N ILE F 242 16.80 -10.63 30.59
CA ILE F 242 17.60 -10.25 29.43
C ILE F 242 18.93 -9.63 29.89
N ILE F 243 20.00 -9.96 29.18
CA ILE F 243 21.37 -9.50 29.51
C ILE F 243 21.74 -8.37 28.56
N ARG F 244 22.15 -7.23 29.15
CA ARG F 244 22.46 -6.04 28.36
C ARG F 244 23.75 -5.42 28.87
N PHE F 245 24.40 -4.64 28.01
CA PHE F 245 25.55 -3.81 28.42
C PHE F 245 25.00 -2.45 28.88
N GLU F 246 24.81 -2.32 30.19
CA GLU F 246 24.26 -1.10 30.77
C GLU F 246 25.35 -0.14 31.15
N THR F 247 25.00 1.14 31.13
CA THR F 247 25.90 2.20 31.58
C THR F 247 25.10 3.20 32.40
N GLU F 248 25.79 4.11 33.08
CA GLU F 248 25.14 5.16 33.85
C GLU F 248 24.13 5.90 32.95
N GLU F 249 24.55 6.16 31.71
CA GLU F 249 23.73 6.83 30.70
C GLU F 249 22.46 6.07 30.31
N THR F 250 22.58 4.78 30.02
CA THR F 250 21.40 4.02 29.62
C THR F 250 20.38 3.98 30.76
N ARG F 251 20.86 3.87 31.98
CA ARG F 251 20.03 3.81 33.19
C ARG F 251 19.27 5.13 33.42
N LYS F 252 20.00 6.23 33.28
CA LYS F 252 19.45 7.59 33.41
C LYS F 252 18.35 7.85 32.37
N LEU F 253 18.61 7.47 31.12
CA LEU F 253 17.62 7.68 30.06
C LEU F 253 16.39 6.82 30.29
N GLU F 254 16.58 5.59 30.75
CA GLU F 254 15.45 4.71 31.01
C GLU F 254 14.55 5.18 32.16
N ILE F 255 15.13 5.78 33.20
CA ILE F 255 14.30 6.34 34.29
C ILE F 255 13.64 7.67 33.89
N SER F 256 14.23 8.36 32.92
CA SER F 256 13.78 9.69 32.51
C SER F 256 12.38 9.73 31.89
N GLY F 257 11.94 8.62 31.31
CA GLY F 257 10.69 8.63 30.60
C GLY F 257 9.89 7.37 30.78
N MET F 258 8.79 7.28 30.04
CA MET F 258 7.96 6.11 30.10
C MET F 258 8.36 5.14 29.01
N PRO F 259 8.32 3.84 29.31
CA PRO F 259 8.59 2.81 28.29
C PRO F 259 7.62 2.99 27.13
N LEU F 260 8.15 2.92 25.91
CA LEU F 260 7.33 3.01 24.70
C LEU F 260 6.15 2.03 24.78
N GLY F 261 6.39 0.84 25.35
CA GLY F 261 5.36 -0.19 25.51
C GLY F 261 4.17 0.21 26.38
N ASP F 262 4.35 1.18 27.26
CA ASP F 262 3.25 1.67 28.10
C ASP F 262 2.33 2.63 27.35
N LEU F 263 2.83 3.16 26.23
CA LEU F 263 2.10 4.16 25.43
C LEU F 263 1.41 3.53 24.23
N PHE F 264 1.94 2.40 23.76
CA PHE F 264 1.46 1.79 22.52
C PHE F 264 1.21 0.30 22.67
N HIS F 265 0.15 -0.17 22.02
CA HIS F 265 0.02 -1.58 21.68
C HIS F 265 0.97 -1.83 20.52
N ILE F 266 1.75 -2.90 20.61
CA ILE F 266 2.73 -3.18 19.56
C ILE F 266 2.32 -4.48 18.91
N ARG F 267 2.11 -4.42 17.60
CA ARG F 267 1.73 -5.60 16.84
C ARG F 267 2.73 -5.78 15.72
N PHE F 268 2.77 -6.98 15.14
CA PHE F 268 3.64 -7.18 13.99
C PHE F 268 2.83 -7.28 12.72
N ALA F 269 3.49 -7.04 11.58
CA ALA F 269 2.80 -7.19 10.30
C ALA F 269 2.26 -8.59 10.08
N ALA F 270 1.19 -8.69 9.29
CA ALA F 270 0.78 -10.00 8.76
C ALA F 270 1.97 -10.60 8.00
N ARG F 271 2.12 -11.92 8.04
CA ARG F 271 3.28 -12.56 7.43
C ARG F 271 3.05 -12.88 5.95
N SER F 272 4.14 -13.12 5.24
CA SER F 272 4.05 -13.37 3.80
C SER F 272 2.99 -14.42 3.38
N PRO F 273 2.90 -15.59 4.09
CA PRO F 273 1.88 -16.58 3.66
C PRO F 273 0.45 -16.08 3.80
N GLU F 274 0.21 -15.14 4.71
CA GLU F 274 -1.14 -14.58 4.86
C GLU F 274 -1.54 -13.75 3.65
N PHE F 275 -0.57 -13.04 3.08
CA PHE F 275 -0.83 -12.27 1.86
C PHE F 275 -1.01 -13.21 0.68
N LYS F 276 -0.15 -14.23 0.61
CA LYS F 276 -0.17 -15.14 -0.53
C LYS F 276 -1.50 -15.88 -0.67
N LYS F 277 -2.18 -16.14 0.44
CA LYS F 277 -3.47 -16.85 0.42
C LYS F 277 -4.70 -15.93 0.33
N HIS F 278 -4.49 -14.62 0.44
CA HIS F 278 -5.61 -13.69 0.43
C HIS F 278 -6.13 -13.51 -1.01
N PRO F 279 -7.47 -13.60 -1.21
CA PRO F 279 -8.01 -13.58 -2.58
C PRO F 279 -7.78 -12.30 -3.39
N ALA F 280 -7.41 -11.20 -2.76
CA ALA F 280 -7.19 -9.95 -3.50
C ALA F 280 -5.73 -9.68 -3.85
N VAL F 281 -4.84 -10.53 -3.35
CA VAL F 281 -3.42 -10.34 -3.59
C VAL F 281 -3.04 -10.86 -4.98
N ARG F 282 -2.17 -10.10 -5.64
CA ARG F 282 -1.69 -10.38 -7.00
C ARG F 282 -0.16 -10.30 -7.08
N LYS F 283 0.39 -10.91 -8.13
CA LYS F 283 1.84 -10.95 -8.33
C LYS F 283 2.28 -9.95 -9.39
N GLU F 284 1.31 -9.20 -9.91
CA GLU F 284 1.56 -8.14 -10.89
C GLU F 284 0.84 -6.87 -10.48
N PRO F 285 1.37 -5.71 -10.87
CA PRO F 285 0.63 -4.47 -10.63
C PRO F 285 -0.63 -4.40 -11.53
N GLY F 286 -1.54 -3.49 -11.20
CA GLY F 286 -2.77 -3.38 -11.95
C GLY F 286 -3.71 -2.34 -11.38
N PRO F 287 -4.91 -2.20 -11.99
CA PRO F 287 -5.85 -1.16 -11.60
C PRO F 287 -6.19 -1.32 -10.14
N GLY F 288 -5.86 -0.28 -9.39
CA GLY F 288 -6.24 -0.22 -8.00
C GLY F 288 -5.39 -1.05 -7.06
N LEU F 289 -4.24 -1.53 -7.52
CA LEU F 289 -3.33 -2.27 -6.63
C LEU F 289 -2.16 -1.42 -6.14
N VAL F 290 -1.77 -1.61 -4.88
CA VAL F 290 -0.59 -0.96 -4.32
C VAL F 290 0.38 -2.05 -3.84
N PRO F 291 1.67 -1.72 -3.75
CA PRO F 291 2.64 -2.72 -3.27
C PRO F 291 2.45 -3.05 -1.80
N VAL F 292 2.64 -4.33 -1.45
CA VAL F 292 2.72 -4.76 -0.06
C VAL F 292 4.13 -4.41 0.41
N LEU F 293 4.21 -3.58 1.43
CA LEU F 293 5.48 -2.98 1.83
C LEU F 293 6.29 -3.90 2.73
N THR F 294 7.60 -3.76 2.64
CA THR F 294 8.53 -4.51 3.52
C THR F 294 9.45 -3.53 4.26
N GLY F 295 10.44 -4.05 4.96
CA GLY F 295 11.43 -3.22 5.62
C GLY F 295 12.20 -2.31 4.67
N ARG F 296 12.29 -2.74 3.41
CA ARG F 296 13.00 -1.94 2.40
C ARG F 296 12.23 -0.67 2.03
N ASN F 297 10.94 -0.63 2.36
CA ASN F 297 10.13 0.58 2.15
C ASN F 297 10.19 1.58 3.30
N LEU F 298 10.76 1.15 4.43
CA LEU F 298 10.77 1.97 5.62
C LEU F 298 12.09 2.70 5.76
N LYS F 299 12.00 4.01 5.95
CA LYS F 299 13.17 4.87 6.09
C LYS F 299 13.02 5.70 7.36
N PRO F 300 14.13 6.28 7.89
CA PRO F 300 13.95 7.11 9.08
C PRO F 300 13.11 8.34 8.74
N GLY F 301 11.89 8.36 9.25
CA GLY F 301 11.02 9.51 9.10
C GLY F 301 10.17 9.53 7.85
N TRP F 302 10.31 8.53 6.98
CA TRP F 302 9.47 8.45 5.80
C TRP F 302 9.30 7.05 5.22
N VAL F 303 8.29 6.91 4.37
CA VAL F 303 7.95 5.65 3.74
C VAL F 303 7.99 5.80 2.22
N ASP F 304 8.65 4.85 1.56
CA ASP F 304 8.65 4.75 0.11
C ASP F 304 7.49 3.86 -0.33
N TYR F 305 6.46 4.49 -0.89
CA TYR F 305 5.27 3.76 -1.33
C TYR F 305 5.35 3.30 -2.78
N GLU F 306 6.43 3.70 -3.46
CA GLU F 306 6.59 3.44 -4.90
C GLU F 306 7.12 2.06 -5.22
N LYS F 307 8.28 1.74 -4.68
CA LYS F 307 9.03 0.55 -5.06
C LYS F 307 8.50 -0.71 -4.38
N ASN F 308 8.25 -1.75 -5.16
CA ASN F 308 7.78 -3.02 -4.63
C ASN F 308 8.95 -3.99 -4.41
N HIS F 309 9.12 -4.41 -3.15
CA HIS F 309 10.16 -5.35 -2.74
C HIS F 309 9.63 -6.72 -2.33
N SER F 310 8.31 -6.86 -2.25
CA SER F 310 7.71 -8.13 -1.83
C SER F 310 7.26 -9.02 -2.99
N GLY F 311 7.08 -8.42 -4.17
CA GLY F 311 6.49 -9.12 -5.30
C GLY F 311 4.98 -9.29 -5.20
N LEU F 312 4.37 -8.62 -4.22
CA LEU F 312 2.93 -8.74 -3.98
C LEU F 312 2.24 -7.39 -4.06
N TRP F 313 1.04 -7.37 -4.65
CA TRP F 313 0.24 -6.16 -4.75
C TRP F 313 -1.16 -6.48 -4.28
N MET F 314 -1.86 -5.48 -3.72
CA MET F 314 -3.25 -5.69 -3.37
C MET F 314 -3.99 -4.37 -3.33
N PRO F 315 -5.33 -4.41 -3.39
CA PRO F 315 -6.03 -3.13 -3.29
C PRO F 315 -5.82 -2.53 -1.91
N LYS F 316 -5.51 -1.23 -1.86
CA LYS F 316 -5.26 -0.57 -0.57
C LYS F 316 -6.47 -0.74 0.36
N GLU F 317 -7.67 -0.67 -0.21
CA GLU F 317 -8.89 -0.72 0.57
C GLU F 317 -9.15 -2.06 1.24
N ARG F 318 -8.49 -3.12 0.75
CA ARG F 318 -8.63 -4.46 1.35
C ARG F 318 -7.55 -4.86 2.35
N ALA F 319 -6.57 -3.97 2.55
CA ALA F 319 -5.46 -4.22 3.49
C ALA F 319 -5.99 -4.52 4.89
N LYS F 320 -7.04 -3.81 5.30
CA LYS F 320 -7.61 -4.02 6.63
C LYS F 320 -8.12 -5.44 6.88
N GLU F 321 -8.33 -6.21 5.80
CA GLU F 321 -8.77 -7.58 5.96
C GLU F 321 -7.66 -8.47 6.52
N LEU F 322 -6.41 -8.07 6.31
CA LEU F 322 -5.26 -8.81 6.88
C LEU F 322 -4.99 -8.39 8.31
N ARG F 323 -4.89 -7.08 8.53
CA ARG F 323 -4.86 -6.52 9.90
C ARG F 323 -5.71 -5.27 9.93
N ASP F 324 -6.63 -5.20 10.88
CA ASP F 324 -7.53 -4.04 10.98
C ASP F 324 -6.75 -2.73 11.01
N PHE F 325 -5.58 -2.73 11.65
CA PHE F 325 -4.80 -1.49 11.81
C PHE F 325 -4.16 -0.95 10.52
N TYR F 326 -4.22 -1.71 9.43
CA TYR F 326 -3.71 -1.21 8.15
C TYR F 326 -4.66 -0.15 7.58
N ALA F 327 -5.83 -0.03 8.19
CA ALA F 327 -6.87 0.94 7.77
C ALA F 327 -6.57 2.36 8.22
N THR F 328 -5.71 2.52 9.23
CA THR F 328 -5.51 3.86 9.78
C THR F 328 -4.04 4.21 9.94
N PRO F 329 -3.68 5.48 9.66
CA PRO F 329 -2.33 5.97 9.83
C PRO F 329 -1.79 5.68 11.22
N HIS F 330 -0.53 5.25 11.29
CA HIS F 330 0.04 4.83 12.55
C HIS F 330 1.55 4.75 12.44
N LEU F 331 2.19 4.69 13.59
CA LEU F 331 3.64 4.58 13.72
C LEU F 331 4.14 3.17 13.34
N VAL F 332 5.18 3.13 12.53
CA VAL F 332 5.81 1.86 12.11
C VAL F 332 7.27 1.92 12.53
N VAL F 333 7.79 0.82 13.10
CA VAL F 333 9.19 0.76 13.53
C VAL F 333 9.83 -0.50 12.98
N ALA F 334 11.08 -0.36 12.53
CA ALA F 334 11.77 -1.43 11.81
C ALA F 334 12.21 -2.57 12.72
N HIS F 335 12.19 -3.79 12.18
CA HIS F 335 12.63 -4.97 12.90
C HIS F 335 13.96 -5.52 12.41
N THR F 336 14.28 -5.31 11.13
CA THR F 336 15.45 -5.96 10.52
C THR F 336 16.37 -4.97 9.81
N LYS F 337 16.80 -3.97 10.58
CA LYS F 337 17.83 -3.01 10.15
C LYS F 337 18.99 -3.03 11.15
N GLY F 338 19.19 -4.17 11.82
CA GLY F 338 20.24 -4.25 12.83
C GLY F 338 19.82 -3.58 14.14
N THR F 339 20.80 -3.27 14.98
CA THR F 339 20.57 -2.64 16.27
C THR F 339 20.39 -1.16 16.07
N ARG F 340 19.20 -0.80 15.62
CA ARG F 340 18.85 0.56 15.23
C ARG F 340 17.39 0.80 15.58
N VAL F 341 17.01 2.06 15.77
CA VAL F 341 15.61 2.40 15.89
C VAL F 341 15.29 3.28 14.68
N VAL F 342 14.48 2.74 13.76
CA VAL F 342 14.11 3.43 12.53
C VAL F 342 12.58 3.46 12.52
N ALA F 343 12.02 4.66 12.53
CA ALA F 343 10.58 4.87 12.69
C ALA F 343 10.03 5.83 11.65
N ALA F 344 8.77 5.61 11.27
CA ALA F 344 8.06 6.55 10.41
C ALA F 344 6.56 6.43 10.63
N TRP F 345 5.85 7.52 10.39
CA TRP F 345 4.39 7.51 10.42
C TRP F 345 3.91 7.12 9.04
N ASP F 346 3.12 6.04 8.97
CA ASP F 346 2.54 5.64 7.69
C ASP F 346 1.26 6.44 7.50
N GLU F 347 1.38 7.55 6.79
CA GLU F 347 0.26 8.48 6.60
C GLU F 347 -0.81 7.94 5.67
N ARG F 348 -0.41 7.08 4.74
CA ARG F 348 -1.35 6.56 3.74
C ARG F 348 -2.13 5.33 4.23
N ALA F 349 -1.58 4.63 5.21
CA ALA F 349 -2.13 3.36 5.72
C ALA F 349 -2.10 2.27 4.64
N TYR F 350 -0.89 1.77 4.36
CA TYR F 350 -0.68 0.73 3.37
C TYR F 350 -0.65 -0.68 3.98
N PRO F 351 -0.77 -1.71 3.12
CA PRO F 351 -0.49 -3.07 3.58
C PRO F 351 1.01 -3.26 3.79
N TRP F 352 1.38 -3.83 4.94
CA TRP F 352 2.78 -4.15 5.23
C TRP F 352 2.95 -5.65 5.44
N ARG F 353 4.03 -6.19 4.89
CA ARG F 353 4.43 -7.58 5.11
C ARG F 353 5.45 -7.71 6.25
N GLU F 354 5.93 -6.58 6.76
CA GLU F 354 6.96 -6.60 7.80
C GLU F 354 6.82 -5.43 8.75
N GLU F 355 7.59 -5.49 9.83
CA GLU F 355 7.79 -4.40 10.81
C GLU F 355 6.78 -4.39 11.96
N PHE F 356 7.11 -3.59 12.97
CA PHE F 356 6.23 -3.36 14.11
C PHE F 356 5.26 -2.24 13.81
N HIS F 357 4.04 -2.41 14.28
CA HIS F 357 2.96 -1.46 14.04
C HIS F 357 2.40 -1.06 15.39
N LEU F 358 2.54 0.23 15.69
CA LEU F 358 2.27 0.72 17.04
C LEU F 358 1.00 1.53 17.08
N LEU F 359 0.10 1.11 17.97
CA LEU F 359 -1.23 1.70 18.04
C LEU F 359 -1.37 2.34 19.43
N PRO F 360 -1.66 3.66 19.49
CA PRO F 360 -1.67 4.32 20.83
C PRO F 360 -2.68 3.71 21.78
N LYS F 361 -2.31 3.60 23.05
CA LYS F 361 -3.23 3.10 24.07
C LYS F 361 -4.21 4.21 24.47
N GLU F 362 -5.25 3.82 25.21
CA GLU F 362 -6.19 4.74 25.83
C GLU F 362 -5.52 5.88 26.58
N GLY F 363 -5.98 7.12 26.33
CA GLY F 363 -5.54 8.30 27.06
C GLY F 363 -4.12 8.79 26.82
N VAL F 364 -3.43 8.19 25.85
CA VAL F 364 -2.08 8.61 25.49
C VAL F 364 -2.15 9.83 24.58
N ARG F 365 -1.36 10.85 24.88
CA ARG F 365 -1.21 11.96 23.96
C ARG F 365 0.14 11.93 23.28
N LEU F 366 0.10 12.21 21.98
CA LEU F 366 1.26 12.10 21.12
C LEU F 366 1.55 13.40 20.43
N ASP F 367 2.82 13.63 20.15
CA ASP F 367 3.22 14.55 19.11
C ASP F 367 3.97 13.66 18.13
N PRO F 368 3.23 13.02 17.18
CA PRO F 368 3.79 12.05 16.24
C PRO F 368 5.09 12.50 15.57
N SER F 369 5.12 13.71 15.03
CA SER F 369 6.31 14.17 14.31
C SER F 369 7.53 14.30 15.25
N SER F 370 7.31 14.76 16.47
CA SER F 370 8.41 14.91 17.42
C SER F 370 8.84 13.55 17.98
N LEU F 371 7.88 12.67 18.19
CA LEU F 371 8.16 11.29 18.61
C LEU F 371 8.94 10.53 17.55
N VAL F 372 8.53 10.63 16.28
CA VAL F 372 9.27 10.02 15.19
C VAL F 372 10.72 10.54 15.18
N GLN F 373 10.87 11.86 15.34
CA GLN F 373 12.20 12.47 15.37
C GLN F 373 13.06 11.93 16.52
N TRP F 374 12.44 11.79 17.69
CA TRP F 374 13.12 11.27 18.89
C TRP F 374 13.58 9.83 18.68
N LEU F 375 12.72 9.03 18.07
CA LEU F 375 13.03 7.61 17.85
C LEU F 375 14.19 7.43 16.88
N ASN F 376 14.28 8.33 15.89
CA ASN F 376 15.32 8.30 14.87
C ASN F 376 16.60 9.03 15.25
N SER F 377 16.59 9.66 16.42
CA SER F 377 17.70 10.51 16.83
C SER F 377 18.96 9.71 17.10
N GLU F 378 20.10 10.36 16.94
CA GLU F 378 21.41 9.78 17.25
C GLU F 378 21.48 9.24 18.68
N ALA F 379 20.90 9.96 19.63
CA ALA F 379 20.89 9.54 21.04
C ALA F 379 20.19 8.20 21.22
N MET F 380 19.11 7.99 20.48
CA MET F 380 18.39 6.73 20.55
C MET F 380 19.19 5.60 19.92
N GLN F 381 19.93 5.91 18.84
CA GLN F 381 20.72 4.90 18.15
C GLN F 381 21.86 4.47 19.05
N LYS F 382 22.49 5.45 19.71
CA LYS F 382 23.58 5.16 20.66
C LYS F 382 23.08 4.30 21.82
N HIS F 383 21.87 4.61 22.30
CA HIS F 383 21.28 3.92 23.44
C HIS F 383 21.14 2.43 23.14
N VAL F 384 20.54 2.08 22.00
CA VAL F 384 20.33 0.66 21.70
C VAL F 384 21.64 -0.05 21.31
N ARG F 385 22.54 0.68 20.66
CA ARG F 385 23.87 0.15 20.28
C ARG F 385 24.67 -0.22 21.55
N THR F 386 24.55 0.60 22.59
CA THR F 386 25.26 0.35 23.85
C THR F 386 24.70 -0.93 24.49
N LEU F 387 23.38 -0.95 24.66
CA LEU F 387 22.70 -2.01 25.39
C LEU F 387 22.84 -3.39 24.73
N TYR F 388 22.65 -3.43 23.42
CA TYR F 388 22.45 -4.69 22.69
C TYR F 388 23.56 -5.04 21.69
N ARG F 389 24.54 -4.16 21.56
CA ARG F 389 25.63 -4.33 20.60
C ARG F 389 25.15 -4.94 19.30
N ASP F 390 25.69 -6.10 18.90
CA ASP F 390 25.30 -6.74 17.65
C ASP F 390 24.87 -8.19 17.90
N PHE F 391 24.27 -8.44 19.07
CA PHE F 391 23.85 -9.80 19.47
C PHE F 391 22.96 -10.44 18.41
N VAL F 392 21.97 -9.67 17.96
CA VAL F 392 21.02 -10.09 16.93
C VAL F 392 20.86 -8.99 15.86
N PRO F 393 20.53 -9.38 14.61
CA PRO F 393 20.40 -8.42 13.51
C PRO F 393 19.04 -7.69 13.51
N HIS F 394 18.58 -7.30 14.68
CA HIS F 394 17.20 -6.83 14.84
C HIS F 394 17.07 -5.84 15.97
N LEU F 395 16.07 -4.98 15.86
CA LEU F 395 15.44 -4.43 17.05
C LEU F 395 14.29 -5.39 17.38
N THR F 396 14.34 -6.04 18.54
CA THR F 396 13.29 -7.00 18.90
C THR F 396 12.20 -6.31 19.71
N LEU F 397 11.08 -7.00 19.90
CA LEU F 397 9.97 -6.45 20.66
C LEU F 397 10.41 -6.08 22.09
N ARG F 398 11.23 -6.94 22.70
CA ARG F 398 11.70 -6.67 24.06
C ARG F 398 12.58 -5.42 24.16
N MET F 399 13.31 -5.11 23.10
CA MET F 399 14.11 -3.88 23.05
C MET F 399 13.19 -2.68 22.84
N LEU F 400 12.27 -2.81 21.89
CA LEU F 400 11.35 -1.74 21.49
C LEU F 400 10.47 -1.25 22.63
N GLU F 401 9.89 -2.21 23.35
CA GLU F 401 9.00 -1.92 24.47
C GLU F 401 9.63 -1.02 25.50
N ARG F 402 10.95 -1.15 25.67
CA ARG F 402 11.68 -0.45 26.72
C ARG F 402 12.25 0.90 26.30
N LEU F 403 12.11 1.27 25.02
CA LEU F 403 12.64 2.56 24.57
C LEU F 403 12.00 3.66 25.39
N PRO F 404 12.84 4.57 25.94
CA PRO F 404 12.26 5.63 26.77
C PRO F 404 11.69 6.79 25.93
N VAL F 405 10.52 7.25 26.33
CA VAL F 405 9.82 8.35 25.67
C VAL F 405 9.49 9.46 26.68
N ARG F 406 10.19 10.59 26.58
CA ARG F 406 9.96 11.74 27.47
C ARG F 406 8.71 12.51 27.07
N ARG F 407 8.16 13.24 28.06
CA ARG F 407 6.89 13.95 27.95
C ARG F 407 6.73 14.88 26.73
N GLU F 408 7.83 15.46 26.27
CA GLU F 408 7.81 16.32 25.09
C GLU F 408 7.09 15.66 23.91
N TYR F 409 7.39 14.39 23.68
CA TYR F 409 6.97 13.67 22.48
C TYR F 409 5.76 12.79 22.69
N GLY F 410 5.60 12.27 23.90
CA GLY F 410 4.52 11.34 24.21
C GLY F 410 4.33 11.15 25.69
N PHE F 411 3.07 11.02 26.10
CA PHE F 411 2.66 11.08 27.50
C PHE F 411 1.37 10.31 27.69
N HIS F 412 1.36 9.40 28.65
CA HIS F 412 0.16 8.57 28.90
C HIS F 412 -0.99 9.36 29.52
N THR F 413 -0.65 10.44 30.23
CA THR F 413 -1.63 11.30 30.92
C THR F 413 -2.42 10.58 32.02
#